data_6YM3
#
_entry.id   6YM3
#
_cell.length_a   43.934
_cell.length_b   98.132
_cell.length_c   104.256
_cell.angle_alpha   90.000
_cell.angle_beta   92.960
_cell.angle_gamma   90.000
#
_symmetry.space_group_name_H-M   'P 1 21 1'
#
loop_
_entity.id
_entity.type
_entity.pdbx_description
1 polymer 'Phosphatidylinositol 5-phosphate 4-kinase type-2 alpha'
2 non-polymer '(2~{R})-2-[[3-cyano-2-[4-(2-ethoxyphenyl)phenyl]-5,8-dihydro-1,7-naphthyridin-4-yl]amino]propanoic acid'
3 non-polymer 'PHOSPHATE ION'
4 water water
#
_entity_poly.entity_id   1
_entity_poly.type   'polypeptide(L)'
_entity_poly.pdbx_seq_one_letter_code
;MHHHHHHSSGVDLGTENLYFQSMDPLLSVLMWGVNHSINELSHVQIPVMLMPDDFKAYSKIKVDNHLFNKENMPSHFKFK
EYCPMVFRNLRERFGIDDQDFQNSLTRSAPLPNDSQARSGARFHTSYDKRYIIKTITSEDVAEMHNILKKYHQYIVECHG
ITLLPQFLGMYRLNVDGVEIYVIVTRNVFSHRLSVYRKYDLKGSTVAREASDKEKAKELPTLKDNDFINEGQKIYIDDNN
KKVFLEKLKKDVEFLAQLKLMDYSLLVGIHDVERAEQEEVECEENDGEEEGESDGTHPVGTPPDSPGNTLNSSPPLAPGE
FDPNIDVYGIKCHENSPRKEVYFMAII(PHD)ILTHYDAKKKAAHAAKTVKHGAGAEISTVNPEQYSKRFLDFIGHIL
;
_entity_poly.pdbx_strand_id   A,B
#
loop_
_chem_comp.id
_chem_comp.type
_chem_comp.name
_chem_comp.formula
OYZ non-polymer '(2~{R})-2-[[3-cyano-2-[4-(2-ethoxyphenyl)phenyl]-5,8-dihydro-1,7-naphthyridin-4-yl]amino]propanoic acid' 'C26 H24 N4 O3'
PO4 non-polymer 'PHOSPHATE ION' 'O4 P -3'
#
# COMPACT_ATOMS: atom_id res chain seq x y z
N ASN A 17 -5.52 9.51 -9.89
CA ASN A 17 -5.39 8.47 -8.87
C ASN A 17 -6.29 7.27 -9.22
N LEU A 18 -5.98 6.15 -8.61
CA LEU A 18 -6.20 4.80 -9.17
C LEU A 18 -7.20 4.14 -8.25
N TYR A 19 -8.28 3.54 -8.76
CA TYR A 19 -9.36 2.93 -7.94
C TYR A 19 -9.38 1.39 -8.03
N PHE A 20 -8.61 0.83 -8.95
CA PHE A 20 -8.54 -0.60 -9.20
C PHE A 20 -9.90 -1.20 -9.55
N GLN A 21 -10.78 -0.40 -10.12
CA GLN A 21 -12.12 -0.88 -10.54
C GLN A 21 -11.97 -1.81 -11.74
N SER A 22 -12.74 -2.89 -11.74
CA SER A 22 -12.99 -3.77 -12.91
C SER A 22 -14.36 -4.46 -12.76
N MET A 23 -14.88 -4.92 -13.88
CA MET A 23 -16.07 -5.80 -13.88
C MET A 23 -15.64 -7.16 -13.34
N ASP A 24 -14.35 -7.43 -13.41
CA ASP A 24 -13.70 -8.69 -12.98
C ASP A 24 -13.16 -8.49 -11.60
N PRO A 25 -13.79 -9.01 -10.53
CA PRO A 25 -13.28 -8.73 -9.19
C PRO A 25 -11.84 -9.31 -9.03
N LEU A 26 -11.44 -10.31 -9.85
CA LEU A 26 -10.11 -10.96 -9.77
C LEU A 26 -9.06 -10.02 -10.38
N LEU A 27 -9.44 -9.20 -11.31
CA LEU A 27 -8.54 -8.24 -11.83
C LEU A 27 -8.44 -7.11 -10.78
N SER A 28 -9.52 -6.78 -10.08
CA SER A 28 -9.43 -5.73 -9.07
C SER A 28 -8.47 -6.14 -7.97
N VAL A 29 -8.60 -7.35 -7.48
CA VAL A 29 -7.77 -7.86 -6.44
C VAL A 29 -6.31 -7.95 -6.90
N LEU A 30 -6.08 -8.36 -8.14
CA LEU A 30 -4.74 -8.43 -8.66
C LEU A 30 -4.08 -7.07 -8.72
N MET A 31 -4.82 -6.07 -9.19
CA MET A 31 -4.29 -4.73 -9.26
C MET A 31 -3.99 -4.22 -7.85
N TRP A 32 -4.89 -4.49 -6.91
CA TRP A 32 -4.68 -4.05 -5.54
C TRP A 32 -3.46 -4.75 -4.94
N GLY A 33 -3.33 -6.05 -5.14
CA GLY A 33 -2.27 -6.87 -4.63
C GLY A 33 -0.91 -6.52 -5.16
N VAL A 34 -0.82 -6.23 -6.45
CA VAL A 34 0.43 -5.81 -7.04
C VAL A 34 0.86 -4.45 -6.48
N ASN A 35 -0.13 -3.58 -6.31
CA ASN A 35 0.11 -2.28 -5.74
C ASN A 35 0.62 -2.44 -4.32
N HIS A 36 -0.06 -3.22 -3.51
CA HIS A 36 0.33 -3.52 -2.11
C HIS A 36 1.73 -4.21 -2.08
N SER A 37 2.01 -5.17 -2.92
CA SER A 37 3.30 -5.92 -2.92
C SER A 37 4.48 -4.98 -3.15
N ILE A 38 4.38 -4.15 -4.17
CA ILE A 38 5.44 -3.25 -4.52
C ILE A 38 5.69 -2.16 -3.47
N ASN A 39 4.62 -1.69 -2.87
CA ASN A 39 4.67 -0.70 -1.78
C ASN A 39 5.33 -1.34 -0.55
N GLU A 40 4.95 -2.55 -0.21
CA GLU A 40 5.52 -3.28 0.90
C GLU A 40 7.03 -3.45 0.66
N LEU A 41 7.44 -3.83 -0.55
CA LEU A 41 8.83 -4.01 -0.87
C LEU A 41 9.62 -2.74 -0.72
N SER A 42 9.03 -1.62 -1.07
CA SER A 42 9.70 -0.32 -0.84
C SER A 42 10.11 -0.18 0.65
N HIS A 43 9.52 -0.93 1.58
CA HIS A 43 9.85 -0.95 3.03
C HIS A 43 10.62 -2.23 3.39
N VAL A 44 11.33 -2.89 2.46
CA VAL A 44 12.19 -4.06 2.83
C VAL A 44 13.57 -3.86 2.18
N GLN A 45 14.68 -3.94 2.90
CA GLN A 45 16.06 -3.73 2.32
C GLN A 45 16.30 -4.66 1.12
N ILE A 46 16.94 -4.16 0.09
CA ILE A 46 17.50 -5.00 -1.01
C ILE A 46 18.70 -5.72 -0.43
N PRO A 47 18.72 -7.06 -0.23
CA PRO A 47 19.87 -7.72 0.37
C PRO A 47 21.06 -7.81 -0.60
N VAL A 48 22.29 -7.93 -0.07
CA VAL A 48 23.43 -8.11 -0.99
C VAL A 48 23.16 -9.37 -1.82
N MET A 49 22.46 -10.39 -1.31
CA MET A 49 22.15 -11.57 -2.17
C MET A 49 21.02 -12.42 -1.61
N LEU A 50 20.38 -13.21 -2.46
CA LEU A 50 19.30 -14.08 -1.99
C LEU A 50 19.86 -15.23 -1.16
N MET A 51 19.06 -15.68 -0.20
CA MET A 51 19.38 -16.85 0.65
C MET A 51 18.32 -17.91 0.46
N PRO A 52 18.63 -19.14 0.93
CA PRO A 52 17.77 -20.28 0.64
C PRO A 52 16.33 -20.01 1.11
N ASP A 53 16.16 -19.39 2.28
CA ASP A 53 14.83 -19.19 2.88
C ASP A 53 13.94 -18.35 1.92
N ASP A 54 14.53 -17.47 1.12
CA ASP A 54 13.80 -16.53 0.23
C ASP A 54 13.07 -17.32 -0.85
N PHE A 55 13.52 -18.55 -1.09
CA PHE A 55 12.93 -19.41 -2.14
C PHE A 55 11.76 -20.22 -1.57
N LYS A 56 11.50 -20.20 -0.25
CA LYS A 56 10.27 -20.81 0.32
C LYS A 56 9.39 -19.76 1.04
N ALA A 57 9.64 -18.47 0.79
CA ALA A 57 9.01 -17.36 1.56
C ALA A 57 7.67 -17.04 0.89
N TYR A 58 6.74 -16.45 1.63
CA TYR A 58 5.50 -15.85 1.04
C TYR A 58 5.00 -14.69 1.92
N SER A 59 4.18 -13.79 1.41
CA SER A 59 3.33 -12.89 2.23
C SER A 59 1.87 -13.19 1.93
N LYS A 60 1.04 -13.37 2.94
CA LYS A 60 -0.44 -13.44 2.80
C LYS A 60 -1.12 -12.17 3.36
N ILE A 61 -2.13 -11.62 2.68
CA ILE A 61 -2.91 -10.47 3.22
C ILE A 61 -4.34 -10.90 3.03
N LYS A 62 -5.11 -10.85 4.11
CA LYS A 62 -6.58 -11.02 4.08
C LYS A 62 -7.26 -9.69 4.43
N VAL A 63 -8.10 -9.22 3.53
CA VAL A 63 -8.75 -7.95 3.70
C VAL A 63 -10.24 -8.10 3.84
N ASP A 64 -10.80 -7.53 4.90
CA ASP A 64 -12.25 -7.51 5.07
C ASP A 64 -12.68 -6.07 5.34
N ASN A 65 -13.45 -5.49 4.44
CA ASN A 65 -13.93 -4.14 4.61
C ASN A 65 -15.43 -4.18 4.87
N HIS A 66 -15.92 -3.30 5.71
CA HIS A 66 -17.34 -3.21 6.04
C HIS A 66 -17.75 -1.79 5.84
N LEU A 67 -18.64 -1.59 4.89
CA LEU A 67 -19.19 -0.30 4.55
C LEU A 67 -18.13 0.68 4.18
N PHE A 68 -17.11 0.18 3.53
CA PHE A 68 -15.97 0.99 3.14
C PHE A 68 -15.47 0.57 1.76
N ASN A 69 -15.30 1.53 0.86
CA ASN A 69 -14.83 1.32 -0.50
C ASN A 69 -15.60 0.18 -1.15
N LYS A 70 -16.91 0.25 -1.05
CA LYS A 70 -17.78 -0.79 -1.55
C LYS A 70 -18.16 -0.68 -3.00
N GLU A 71 -17.85 0.44 -3.61
CA GLU A 71 -18.14 0.64 -5.07
C GLU A 71 -16.93 0.20 -5.89
N ASN A 72 -15.75 0.53 -5.48
CA ASN A 72 -14.57 0.26 -6.29
C ASN A 72 -14.17 -1.21 -6.14
N MET A 73 -14.26 -1.77 -4.95
CA MET A 73 -13.72 -3.07 -4.73
C MET A 73 -14.56 -4.03 -3.98
N PRO A 74 -14.21 -5.30 -4.09
CA PRO A 74 -14.85 -6.34 -3.32
C PRO A 74 -14.43 -6.12 -1.86
N SER A 75 -15.37 -6.34 -0.97
CA SER A 75 -15.20 -6.18 0.45
C SER A 75 -14.31 -7.16 1.15
N HIS A 76 -14.36 -8.42 0.71
CA HIS A 76 -13.57 -9.48 1.29
C HIS A 76 -12.74 -10.24 0.23
N PHE A 77 -11.44 -10.29 0.42
CA PHE A 77 -10.53 -10.98 -0.47
C PHE A 77 -9.21 -11.33 0.21
N LYS A 78 -8.41 -12.18 -0.42
CA LYS A 78 -7.08 -12.54 0.08
C LYS A 78 -6.15 -12.40 -1.10
N PHE A 79 -4.91 -12.13 -0.82
CA PHE A 79 -3.86 -11.99 -1.83
C PHE A 79 -2.59 -12.55 -1.19
N LYS A 80 -1.96 -13.48 -1.88
CA LYS A 80 -0.71 -14.13 -1.41
C LYS A 80 0.34 -13.96 -2.49
N GLU A 81 1.54 -13.59 -2.10
CA GLU A 81 2.67 -13.44 -2.98
C GLU A 81 3.77 -14.45 -2.60
N TYR A 82 4.21 -15.21 -3.60
CA TYR A 82 5.28 -16.24 -3.49
C TYR A 82 6.63 -15.56 -3.65
N CYS A 83 7.55 -15.89 -2.77
CA CYS A 83 8.99 -15.57 -2.91
C CYS A 83 9.20 -14.14 -3.37
N PRO A 84 8.68 -13.16 -2.63
CA PRO A 84 8.74 -11.76 -3.05
C PRO A 84 10.14 -11.27 -3.31
N MET A 85 11.05 -11.62 -2.42
CA MET A 85 12.49 -11.23 -2.59
C MET A 85 13.03 -11.72 -3.94
N VAL A 86 12.74 -12.95 -4.31
CA VAL A 86 13.29 -13.53 -5.58
C VAL A 86 12.68 -12.80 -6.78
N PHE A 87 11.37 -12.67 -6.83
CA PHE A 87 10.77 -11.99 -7.96
C PHE A 87 11.23 -10.55 -8.09
N ARG A 88 11.47 -9.87 -6.97
CA ARG A 88 12.02 -8.52 -7.03
C ARG A 88 13.41 -8.55 -7.62
N ASN A 89 14.21 -9.49 -7.19
CA ASN A 89 15.54 -9.59 -7.76
C ASN A 89 15.48 -9.94 -9.24
N LEU A 90 14.58 -10.82 -9.61
CA LEU A 90 14.43 -11.20 -11.01
C LEU A 90 14.06 -10.00 -11.86
N ARG A 91 13.12 -9.19 -11.36
CA ARG A 91 12.70 -7.97 -12.02
C ARG A 91 13.92 -7.08 -12.27
N GLU A 92 14.77 -6.90 -11.26
CA GLU A 92 15.95 -6.09 -11.41
C GLU A 92 16.92 -6.65 -12.43
N ARG A 93 17.12 -7.95 -12.39
CA ARG A 93 18.01 -8.64 -13.32
C ARG A 93 17.54 -8.54 -14.77
N PHE A 94 16.22 -8.51 -14.97
CA PHE A 94 15.60 -8.36 -16.28
C PHE A 94 15.48 -6.90 -16.74
N GLY A 95 15.99 -5.97 -15.95
CA GLY A 95 15.98 -4.58 -16.33
C GLY A 95 14.73 -3.79 -16.04
N ILE A 96 13.89 -4.36 -15.22
CA ILE A 96 12.64 -3.77 -14.85
C ILE A 96 12.62 -3.08 -13.47
N ASP A 97 12.28 -1.80 -13.43
CA ASP A 97 12.09 -1.03 -12.16
C ASP A 97 10.72 -1.35 -11.54
N ASP A 98 10.70 -1.61 -10.25
CA ASP A 98 9.49 -1.93 -9.53
C ASP A 98 8.37 -0.89 -9.61
N GLN A 99 8.71 0.37 -9.73
CA GLN A 99 7.69 1.45 -9.83
C GLN A 99 7.04 1.39 -11.21
N ASP A 100 7.84 1.17 -12.26
CA ASP A 100 7.37 1.02 -13.65
C ASP A 100 6.44 -0.19 -13.70
N PHE A 101 6.88 -1.29 -13.12
CA PHE A 101 6.12 -2.51 -13.04
C PHE A 101 4.75 -2.28 -12.42
N GLN A 102 4.76 -1.67 -11.23
CA GLN A 102 3.58 -1.30 -10.43
C GLN A 102 2.60 -0.53 -11.34
N ASN A 103 3.11 0.46 -12.07
CA ASN A 103 2.27 1.38 -12.86
C ASN A 103 1.60 0.60 -14.00
N SER A 104 2.39 -0.25 -14.66
CA SER A 104 2.00 -1.13 -15.78
C SER A 104 0.89 -2.03 -15.32
N LEU A 105 0.94 -2.56 -14.13
CA LEU A 105 -0.07 -3.45 -13.70
C LEU A 105 -1.26 -2.85 -12.93
N THR A 106 -1.16 -1.58 -12.54
CA THR A 106 -2.20 -0.92 -11.74
C THR A 106 -2.84 0.36 -12.27
N ARG A 107 -2.18 1.04 -13.17
CA ARG A 107 -2.68 2.29 -13.67
C ARG A 107 -4.02 2.14 -14.38
N SER A 108 -4.16 1.07 -15.15
CA SER A 108 -5.38 0.72 -15.86
C SER A 108 -5.47 -0.80 -15.92
N ALA A 109 -6.67 -1.37 -15.97
CA ALA A 109 -6.79 -2.80 -15.92
C ALA A 109 -6.14 -3.57 -17.07
N PRO A 110 -5.66 -4.78 -16.77
CA PRO A 110 -5.08 -5.71 -17.74
C PRO A 110 -6.19 -6.09 -18.72
N LEU A 111 -5.85 -6.25 -19.98
CA LEU A 111 -6.84 -6.52 -21.08
C LEU A 111 -6.82 -8.01 -21.40
N PRO A 112 -8.02 -8.63 -21.50
CA PRO A 112 -8.11 -10.03 -21.90
C PRO A 112 -7.74 -10.17 -23.38
N ASN A 113 -7.07 -11.26 -23.74
N ASN A 113 -6.99 -11.22 -23.68
CA ASN A 113 -6.98 -11.73 -25.13
CA ASN A 113 -6.75 -11.66 -25.06
C ASN A 113 -8.38 -12.30 -25.47
C ASN A 113 -8.13 -11.93 -25.67
N ARG A 122 -6.07 -18.19 -23.24
CA ARG A 122 -6.57 -17.04 -22.46
C ARG A 122 -5.42 -16.54 -21.60
N PHE A 123 -5.22 -15.24 -21.65
CA PHE A 123 -4.16 -14.54 -20.88
C PHE A 123 -4.66 -13.12 -20.90
N HIS A 124 -4.09 -12.29 -20.08
CA HIS A 124 -4.32 -10.84 -20.13
C HIS A 124 -2.97 -10.24 -20.48
N THR A 125 -2.98 -9.06 -21.05
CA THR A 125 -1.81 -8.21 -21.18
C THR A 125 -2.00 -7.05 -20.22
N SER A 126 -0.90 -6.51 -19.70
CA SER A 126 -0.96 -5.23 -18.95
C SER A 126 -1.49 -4.17 -19.93
N TYR A 127 -2.12 -3.11 -19.43
CA TYR A 127 -2.85 -2.12 -20.29
C TYR A 127 -1.87 -1.54 -21.31
N ASP A 128 -0.58 -1.43 -20.95
CA ASP A 128 0.49 -0.77 -21.77
C ASP A 128 1.25 -1.85 -22.57
N LYS A 129 0.76 -3.08 -22.50
CA LYS A 129 1.23 -4.24 -23.34
C LYS A 129 2.72 -4.56 -23.11
N ARG A 130 3.19 -4.34 -21.90
CA ARG A 130 4.56 -4.76 -21.53
C ARG A 130 4.57 -6.17 -20.98
N TYR A 131 3.50 -6.62 -20.35
CA TYR A 131 3.49 -7.80 -19.46
C TYR A 131 2.29 -8.67 -19.80
N ILE A 132 2.50 -9.95 -19.56
CA ILE A 132 1.51 -11.02 -19.70
C ILE A 132 1.16 -11.56 -18.34
N ILE A 133 -0.13 -11.74 -18.18
CA ILE A 133 -0.68 -12.26 -16.91
C ILE A 133 -1.40 -13.54 -17.23
N LYS A 134 -1.10 -14.60 -16.52
CA LYS A 134 -1.69 -15.88 -16.88
C LYS A 134 -2.24 -16.49 -15.63
N THR A 135 -3.40 -17.12 -15.70
CA THR A 135 -3.94 -18.04 -14.67
C THR A 135 -3.26 -19.43 -14.81
N ILE A 136 -2.77 -19.98 -13.71
CA ILE A 136 -2.03 -21.25 -13.71
C ILE A 136 -2.59 -22.11 -12.58
N THR A 137 -2.21 -23.36 -12.54
CA THR A 137 -2.70 -24.26 -11.55
C THR A 137 -1.79 -24.34 -10.34
N SER A 138 -2.24 -25.07 -9.36
CA SER A 138 -1.53 -25.34 -8.16
C SER A 138 -0.24 -26.12 -8.46
N GLU A 139 -0.33 -27.07 -9.40
CA GLU A 139 0.78 -27.86 -9.84
C GLU A 139 1.81 -26.97 -10.48
N ASP A 140 1.38 -26.00 -11.28
CA ASP A 140 2.30 -25.10 -11.89
C ASP A 140 3.09 -24.32 -10.86
N VAL A 141 2.41 -23.86 -9.80
CA VAL A 141 3.07 -23.11 -8.73
C VAL A 141 4.10 -24.01 -8.06
N ALA A 142 3.75 -25.24 -7.82
CA ALA A 142 4.63 -26.22 -7.24
C ALA A 142 5.86 -26.44 -8.13
N GLU A 143 5.67 -26.48 -9.44
CA GLU A 143 6.76 -26.64 -10.37
C GLU A 143 7.64 -25.41 -10.42
N MET A 144 7.04 -24.23 -10.35
CA MET A 144 7.83 -22.97 -10.27
C MET A 144 8.75 -22.98 -9.07
N HIS A 145 8.27 -23.40 -7.91
CA HIS A 145 9.12 -23.52 -6.71
C HIS A 145 10.24 -24.53 -6.98
N ASN A 146 9.88 -25.68 -7.55
CA ASN A 146 10.81 -26.79 -7.86
C ASN A 146 12.06 -26.30 -8.59
N ILE A 147 11.90 -25.42 -9.54
CA ILE A 147 12.98 -24.95 -10.44
C ILE A 147 13.48 -23.56 -10.08
N LEU A 148 12.94 -22.89 -9.07
CA LEU A 148 13.18 -21.42 -8.86
C LEU A 148 14.66 -21.17 -8.57
N LYS A 149 15.26 -22.00 -7.72
CA LYS A 149 16.71 -21.80 -7.41
C LYS A 149 17.56 -21.98 -8.65
N LYS A 150 17.28 -22.99 -9.47
CA LYS A 150 18.17 -23.21 -10.65
C LYS A 150 17.86 -22.15 -11.69
N TYR A 151 16.61 -21.76 -11.78
CA TYR A 151 16.22 -20.69 -12.71
C TYR A 151 16.95 -19.40 -12.36
N HIS A 152 16.85 -18.97 -11.11
CA HIS A 152 17.54 -17.73 -10.63
C HIS A 152 19.07 -17.84 -10.88
N GLN A 153 19.70 -18.96 -10.54
CA GLN A 153 21.14 -19.11 -10.81
C GLN A 153 21.43 -18.96 -12.31
N TYR A 154 20.58 -19.52 -13.16
CA TYR A 154 20.78 -19.47 -14.62
C TYR A 154 20.61 -18.04 -15.11
N ILE A 155 19.59 -17.32 -14.61
CA ILE A 155 19.47 -15.85 -14.90
C ILE A 155 20.73 -15.09 -14.46
N VAL A 156 21.27 -15.37 -13.30
CA VAL A 156 22.55 -14.74 -12.86
C VAL A 156 23.66 -15.00 -13.88
N GLU A 157 23.84 -16.26 -14.29
CA GLU A 157 25.03 -16.67 -15.07
C GLU A 157 24.91 -16.09 -16.48
N CYS A 158 23.70 -15.89 -17.02
CA CYS A 158 23.57 -15.33 -18.37
C CYS A 158 23.30 -13.82 -18.32
N HIS A 159 23.50 -13.16 -17.17
CA HIS A 159 23.33 -11.70 -17.09
C HIS A 159 21.93 -11.37 -17.66
N GLY A 160 20.93 -12.18 -17.39
CA GLY A 160 19.58 -11.84 -17.86
C GLY A 160 19.40 -12.01 -19.37
N ILE A 161 20.41 -12.30 -20.17
CA ILE A 161 20.32 -12.46 -21.66
C ILE A 161 19.87 -13.91 -21.97
N THR A 162 18.56 -14.11 -22.19
CA THR A 162 17.98 -15.46 -22.44
C THR A 162 16.68 -15.31 -23.22
N LEU A 163 16.24 -16.40 -23.87
CA LEU A 163 14.97 -16.49 -24.60
C LEU A 163 14.02 -17.26 -23.67
N LEU A 164 14.42 -17.63 -22.45
CA LEU A 164 13.44 -18.19 -21.47
C LEU A 164 12.40 -17.12 -21.11
N PRO A 165 11.20 -17.56 -20.67
CA PRO A 165 10.20 -16.69 -20.06
C PRO A 165 10.84 -15.97 -18.87
N GLN A 166 10.66 -14.63 -18.82
CA GLN A 166 11.05 -13.82 -17.66
C GLN A 166 9.89 -13.89 -16.68
N PHE A 167 10.08 -14.63 -15.58
CA PHE A 167 9.04 -14.75 -14.54
C PHE A 167 9.22 -13.60 -13.53
N LEU A 168 8.25 -12.69 -13.50
CA LEU A 168 8.33 -11.48 -12.70
C LEU A 168 7.53 -11.37 -11.40
N GLY A 169 6.54 -12.21 -11.24
CA GLY A 169 5.69 -12.26 -10.04
C GLY A 169 4.76 -13.43 -10.09
N MET A 170 4.42 -13.95 -8.91
CA MET A 170 3.53 -15.12 -8.82
C MET A 170 2.65 -14.98 -7.59
N TYR A 171 1.35 -15.12 -7.74
CA TYR A 171 0.35 -14.67 -6.75
C TYR A 171 -0.73 -15.74 -6.66
N ARG A 172 -1.42 -15.74 -5.56
CA ARG A 172 -2.60 -16.54 -5.35
C ARG A 172 -3.70 -15.50 -4.93
N LEU A 173 -4.86 -15.55 -5.59
CA LEU A 173 -5.99 -14.65 -5.36
C LEU A 173 -7.22 -15.39 -4.93
N ASN A 174 -7.98 -14.78 -4.03
CA ASN A 174 -9.20 -15.37 -3.52
C ASN A 174 -10.29 -14.29 -3.39
N VAL A 175 -11.40 -14.41 -4.10
CA VAL A 175 -12.53 -13.47 -3.96
C VAL A 175 -13.84 -14.15 -4.37
N ASP A 176 -14.89 -13.97 -3.59
CA ASP A 176 -16.21 -14.48 -4.00
C ASP A 176 -16.19 -16.01 -4.13
N GLY A 177 -15.35 -16.67 -3.35
CA GLY A 177 -15.26 -18.11 -3.36
C GLY A 177 -14.45 -18.73 -4.49
N VAL A 178 -13.80 -17.91 -5.26
CA VAL A 178 -13.01 -18.35 -6.37
C VAL A 178 -11.55 -18.09 -6.08
N GLU A 179 -10.73 -19.12 -6.25
CA GLU A 179 -9.29 -19.03 -6.02
C GLU A 179 -8.51 -19.32 -7.29
N ILE A 180 -7.62 -18.43 -7.66
CA ILE A 180 -6.77 -18.64 -8.82
C ILE A 180 -5.29 -18.35 -8.50
N TYR A 181 -4.38 -18.96 -9.25
CA TYR A 181 -2.95 -18.68 -9.10
C TYR A 181 -2.56 -17.91 -10.33
N VAL A 182 -1.76 -16.87 -10.21
CA VAL A 182 -1.37 -16.13 -11.44
C VAL A 182 0.12 -15.88 -11.48
N ILE A 183 0.62 -15.84 -12.70
CA ILE A 183 2.04 -15.55 -12.95
C ILE A 183 2.08 -14.47 -14.01
N VAL A 184 3.08 -13.62 -13.85
CA VAL A 184 3.32 -12.46 -14.73
C VAL A 184 4.66 -12.71 -15.48
N THR A 185 4.66 -12.53 -16.78
CA THR A 185 5.88 -12.67 -17.55
C THR A 185 6.04 -11.48 -18.46
N ARG A 186 7.23 -11.30 -19.00
CA ARG A 186 7.44 -10.25 -19.94
C ARG A 186 6.77 -10.64 -21.25
N ASN A 187 6.15 -9.69 -21.94
CA ASN A 187 5.55 -9.94 -23.23
C ASN A 187 6.65 -10.22 -24.23
N VAL A 188 6.47 -11.25 -25.04
CA VAL A 188 7.41 -11.57 -26.15
C VAL A 188 7.30 -10.47 -27.21
N PHE A 189 6.10 -9.93 -27.45
CA PHE A 189 5.85 -8.96 -28.56
C PHE A 189 6.19 -7.53 -28.14
N SER A 190 6.16 -6.65 -29.11
CA SER A 190 6.40 -5.26 -28.87
C SER A 190 5.22 -4.61 -28.16
N HIS A 191 5.54 -3.70 -27.26
CA HIS A 191 4.57 -2.91 -26.53
C HIS A 191 3.88 -1.92 -27.46
N ARG A 192 4.62 -1.45 -28.47
CA ARG A 192 4.13 -0.53 -29.45
C ARG A 192 3.78 -1.10 -30.78
N LEU A 193 4.70 -1.88 -31.35
CA LEU A 193 4.53 -2.45 -32.67
C LEU A 193 3.56 -3.58 -32.69
N SER A 194 2.61 -3.52 -33.59
CA SER A 194 1.61 -4.55 -33.63
C SER A 194 2.08 -5.80 -34.37
N VAL A 195 1.50 -6.91 -33.98
CA VAL A 195 1.81 -8.24 -34.55
C VAL A 195 0.64 -8.62 -35.44
N TYR A 196 0.88 -8.87 -36.73
CA TYR A 196 -0.18 -9.31 -37.67
C TYR A 196 -0.17 -10.85 -37.89
N ARG A 197 0.87 -11.57 -37.47
CA ARG A 197 0.85 -13.05 -37.48
C ARG A 197 1.59 -13.58 -36.29
N LYS A 198 1.08 -14.67 -35.74
CA LYS A 198 1.79 -15.32 -34.63
C LYS A 198 1.63 -16.85 -34.68
N TYR A 199 2.66 -17.50 -34.22
CA TYR A 199 2.84 -18.95 -34.25
C TYR A 199 3.39 -19.44 -32.94
N ASP A 200 2.82 -20.53 -32.45
CA ASP A 200 3.33 -21.38 -31.36
C ASP A 200 3.99 -22.60 -32.04
N LEU A 201 5.32 -22.75 -31.95
CA LEU A 201 6.12 -23.76 -32.69
C LEU A 201 6.73 -24.76 -31.73
N LYS A 202 6.56 -26.02 -32.09
CA LYS A 202 7.20 -27.14 -31.38
C LYS A 202 7.95 -28.01 -32.41
N GLY A 203 7.22 -28.48 -33.40
CA GLY A 203 7.74 -29.37 -34.41
C GLY A 203 7.49 -30.80 -33.98
N SER A 204 7.97 -31.73 -34.80
CA SER A 204 7.90 -33.16 -34.54
C SER A 204 6.52 -33.65 -34.30
N THR A 205 6.15 -34.37 -33.24
CA THR A 205 4.76 -34.91 -33.19
C THR A 205 3.62 -33.87 -33.41
N VAL A 206 2.93 -34.18 -34.51
CA VAL A 206 1.91 -33.37 -35.14
C VAL A 206 0.45 -33.80 -35.47
N ALA A 207 -0.01 -33.10 -36.51
CA ALA A 207 -1.37 -32.76 -37.04
C ALA A 207 -1.66 -31.36 -36.33
N ARG A 208 -0.62 -30.75 -35.76
CA ARG A 208 -0.48 -29.54 -35.00
C ARG A 208 -0.57 -28.36 -35.90
N GLU A 209 -1.77 -27.87 -35.87
CA GLU A 209 -2.21 -26.72 -36.59
C GLU A 209 -3.37 -26.13 -35.80
N ALA A 210 -3.68 -24.87 -36.06
CA ALA A 210 -4.80 -24.17 -35.41
C ALA A 210 -6.12 -24.81 -35.90
N SER A 211 -7.12 -24.93 -35.01
CA SER A 211 -8.53 -25.29 -35.31
C SER A 211 -9.19 -24.25 -36.22
N ASP A 212 -10.20 -24.68 -36.98
CA ASP A 212 -11.17 -23.78 -37.68
C ASP A 212 -11.62 -22.63 -36.73
N LYS A 213 -11.98 -22.93 -35.47
CA LYS A 213 -12.49 -21.93 -34.50
C LYS A 213 -11.40 -20.88 -34.21
N GLU A 214 -10.14 -21.31 -34.13
CA GLU A 214 -9.02 -20.39 -33.81
C GLU A 214 -8.78 -19.54 -35.05
N LYS A 215 -8.79 -20.12 -36.25
CA LYS A 215 -8.31 -19.38 -37.45
C LYS A 215 -9.35 -18.33 -37.89
N ALA A 216 -10.50 -18.38 -37.21
CA ALA A 216 -11.62 -17.42 -37.36
C ALA A 216 -11.15 -16.07 -36.84
N LYS A 217 -10.50 -16.04 -35.68
CA LYS A 217 -10.16 -14.82 -34.92
C LYS A 217 -9.43 -13.77 -35.78
N GLU A 218 -9.25 -12.53 -35.25
CA GLU A 218 -8.47 -11.48 -35.94
C GLU A 218 -7.00 -11.90 -35.93
N LEU A 219 -6.47 -12.25 -34.77
CA LEU A 219 -5.07 -12.72 -34.69
C LEU A 219 -5.02 -14.14 -34.10
N PRO A 220 -5.13 -15.20 -34.95
CA PRO A 220 -5.11 -16.57 -34.45
C PRO A 220 -3.71 -16.94 -33.98
N THR A 221 -3.59 -17.88 -33.03
CA THR A 221 -2.30 -18.52 -32.70
C THR A 221 -2.15 -19.70 -33.67
N LEU A 222 -1.31 -19.52 -34.71
CA LEU A 222 -1.08 -20.56 -35.75
C LEU A 222 -0.05 -21.54 -35.20
N LYS A 223 0.06 -22.75 -35.75
CA LYS A 223 1.03 -23.77 -35.22
C LYS A 223 1.92 -24.31 -36.35
N ASP A 224 2.73 -25.31 -36.05
CA ASP A 224 3.71 -25.86 -36.98
C ASP A 224 3.24 -26.02 -38.41
N ASN A 225 2.18 -26.76 -38.64
CA ASN A 225 1.72 -26.95 -40.01
C ASN A 225 1.33 -25.69 -40.73
N ASP A 226 0.83 -24.71 -39.99
CA ASP A 226 0.39 -23.43 -40.57
C ASP A 226 1.64 -22.71 -41.06
N PHE A 227 2.72 -22.80 -40.28
CA PHE A 227 4.00 -22.10 -40.58
C PHE A 227 4.47 -22.64 -41.93
N ILE A 228 4.59 -23.96 -42.03
CA ILE A 228 5.05 -24.66 -43.28
C ILE A 228 4.03 -24.38 -44.38
N ASN A 229 2.75 -24.74 -44.19
CA ASN A 229 1.81 -24.79 -45.36
C ASN A 229 1.54 -23.38 -45.89
N GLU A 230 1.66 -22.37 -45.03
CA GLU A 230 1.40 -20.95 -45.40
C GLU A 230 2.65 -20.41 -46.08
N GLY A 231 3.74 -21.17 -46.10
CA GLY A 231 5.02 -20.75 -46.71
C GLY A 231 5.71 -19.65 -45.90
N GLN A 232 5.42 -19.53 -44.59
CA GLN A 232 6.02 -18.52 -43.70
C GLN A 232 7.53 -18.59 -43.79
N LYS A 233 8.20 -17.51 -44.14
CA LYS A 233 9.68 -17.42 -44.02
C LYS A 233 10.05 -16.40 -42.93
N ILE A 234 11.27 -16.47 -42.39
CA ILE A 234 11.81 -15.48 -41.41
C ILE A 234 13.15 -14.99 -41.97
N TYR A 235 13.18 -13.75 -42.42
CA TYR A 235 14.35 -13.18 -43.02
C TYR A 235 15.29 -12.45 -42.10
N ILE A 236 16.08 -13.17 -41.32
CA ILE A 236 17.07 -12.51 -40.48
C ILE A 236 18.44 -12.77 -41.05
N ASP A 237 19.42 -11.91 -40.79
CA ASP A 237 20.72 -12.11 -41.45
C ASP A 237 21.56 -13.14 -40.68
N ASP A 238 22.67 -13.59 -41.29
CA ASP A 238 23.48 -14.74 -40.84
C ASP A 238 23.90 -14.54 -39.39
N ASN A 239 24.28 -13.32 -39.02
CA ASN A 239 24.73 -13.02 -37.64
C ASN A 239 23.62 -13.20 -36.60
N ASN A 240 22.44 -12.61 -36.86
CA ASN A 240 21.31 -12.64 -35.91
C ASN A 240 20.85 -14.08 -35.76
N LYS A 241 20.81 -14.80 -36.87
CA LYS A 241 20.37 -16.23 -36.85
C LYS A 241 21.33 -16.99 -35.93
N LYS A 242 22.61 -16.82 -36.17
CA LYS A 242 23.58 -17.57 -35.37
C LYS A 242 23.45 -17.09 -33.91
N VAL A 243 23.31 -15.79 -33.67
CA VAL A 243 23.34 -15.37 -32.24
C VAL A 243 22.13 -16.01 -31.55
N PHE A 244 20.98 -15.92 -32.21
CA PHE A 244 19.68 -16.39 -31.67
C PHE A 244 19.73 -17.91 -31.41
N LEU A 245 20.24 -18.67 -32.36
CA LEU A 245 20.21 -20.16 -32.25
C LEU A 245 21.20 -20.59 -31.16
N GLU A 246 22.25 -19.82 -30.95
CA GLU A 246 23.25 -20.13 -29.88
C GLU A 246 22.60 -19.84 -28.51
N LYS A 247 21.78 -18.79 -28.39
CA LYS A 247 21.00 -18.63 -27.12
C LYS A 247 20.02 -19.79 -26.95
N LEU A 248 19.25 -20.08 -27.98
CA LEU A 248 18.15 -21.04 -27.89
C LEU A 248 18.70 -22.37 -27.39
N LYS A 249 19.80 -22.82 -28.00
CA LYS A 249 20.54 -24.07 -27.67
C LYS A 249 20.84 -24.11 -26.14
N LYS A 250 21.45 -23.03 -25.65
CA LYS A 250 21.78 -22.86 -24.20
C LYS A 250 20.51 -22.97 -23.37
N ASP A 251 19.48 -22.18 -23.70
CA ASP A 251 18.24 -22.18 -22.91
C ASP A 251 17.64 -23.58 -22.97
N VAL A 252 17.64 -24.21 -24.16
CA VAL A 252 16.92 -25.50 -24.35
C VAL A 252 17.66 -26.68 -23.69
N GLU A 253 18.99 -26.64 -23.71
CA GLU A 253 19.87 -27.54 -22.93
C GLU A 253 19.56 -27.43 -21.45
N PHE A 254 19.50 -26.16 -20.98
CA PHE A 254 19.06 -25.87 -19.60
C PHE A 254 17.72 -26.56 -19.28
N LEU A 255 16.70 -26.36 -20.12
CA LEU A 255 15.35 -26.94 -19.84
C LEU A 255 15.42 -28.48 -19.80
N ALA A 256 16.21 -29.08 -20.69
CA ALA A 256 16.40 -30.51 -20.71
C ALA A 256 16.91 -31.00 -19.38
N GLN A 257 17.93 -30.35 -18.86
CA GLN A 257 18.52 -30.69 -17.57
C GLN A 257 17.50 -30.73 -16.47
N LEU A 258 16.69 -29.69 -16.36
CA LEU A 258 15.59 -29.64 -15.39
C LEU A 258 14.49 -30.68 -15.68
N LYS A 259 14.53 -31.40 -16.81
CA LYS A 259 13.58 -32.47 -17.23
C LYS A 259 12.23 -31.83 -17.65
N LEU A 260 12.27 -30.60 -18.12
CA LEU A 260 11.07 -29.91 -18.61
C LEU A 260 10.98 -30.16 -20.10
N MET A 261 9.75 -30.09 -20.62
CA MET A 261 9.40 -30.31 -22.03
C MET A 261 8.05 -29.65 -22.31
N ASP A 262 7.63 -29.70 -23.55
CA ASP A 262 6.31 -29.30 -24.11
C ASP A 262 6.24 -27.78 -24.27
N TYR A 263 7.41 -27.13 -24.23
CA TYR A 263 7.63 -25.67 -24.43
C TYR A 263 7.61 -25.33 -25.91
N SER A 264 7.34 -24.06 -26.21
CA SER A 264 7.24 -23.56 -27.59
C SER A 264 8.20 -22.41 -27.88
N LEU A 265 8.47 -22.17 -29.16
CA LEU A 265 8.95 -20.85 -29.62
C LEU A 265 7.71 -20.08 -30.05
N LEU A 266 7.51 -18.95 -29.41
CA LEU A 266 6.43 -18.00 -29.79
C LEU A 266 7.08 -17.06 -30.78
N VAL A 267 6.54 -16.94 -31.97
CA VAL A 267 7.06 -16.02 -33.00
C VAL A 267 5.93 -15.03 -33.33
N GLY A 268 6.21 -13.74 -33.28
CA GLY A 268 5.26 -12.75 -33.80
C GLY A 268 5.90 -11.93 -34.87
N ILE A 269 5.13 -11.54 -35.85
CA ILE A 269 5.72 -10.83 -37.02
C ILE A 269 5.00 -9.51 -37.16
N HIS A 270 5.76 -8.42 -37.17
CA HIS A 270 5.20 -7.06 -37.41
C HIS A 270 5.48 -6.76 -38.87
N ASP A 271 4.45 -6.32 -39.60
CA ASP A 271 4.54 -5.90 -40.96
C ASP A 271 4.43 -4.38 -40.95
N VAL A 272 5.49 -3.72 -41.30
CA VAL A 272 5.62 -2.25 -41.28
C VAL A 272 4.55 -1.66 -42.19
N GLU A 273 4.45 -2.15 -43.42
CA GLU A 273 3.54 -1.54 -44.43
C GLU A 273 2.08 -1.77 -44.01
N ARG A 274 1.75 -2.87 -43.39
CA ARG A 274 0.40 -3.07 -42.94
C ARG A 274 0.06 -2.13 -41.80
N ALA A 275 0.89 -2.10 -40.78
CA ALA A 275 0.68 -1.20 -39.60
C ALA A 275 0.45 0.25 -40.08
N GLU A 276 1.04 0.62 -41.22
CA GLU A 276 1.01 2.02 -41.74
C GLU A 276 -0.32 2.28 -42.44
N GLN A 277 -0.69 1.42 -43.40
CA GLN A 277 -1.96 1.59 -44.18
C GLN A 277 -3.15 1.46 -43.21
N GLU A 278 -3.03 0.67 -42.14
CA GLU A 278 -4.09 0.52 -41.10
C GLU A 278 -4.08 1.66 -40.06
N GLU A 279 -3.06 2.53 -40.07
CA GLU A 279 -3.04 3.77 -39.26
C GLU A 279 -3.60 4.93 -40.09
N VAL A 280 -2.95 5.27 -41.21
CA VAL A 280 -3.32 6.43 -42.09
C VAL A 280 -4.85 6.59 -42.13
N GLU A 281 -5.62 5.49 -42.10
CA GLU A 281 -7.12 5.47 -41.98
C GLU A 281 -7.56 6.42 -40.83
N CYS A 282 -7.11 6.15 -39.58
CA CYS A 282 -7.36 6.95 -38.34
C CYS A 282 -6.73 8.34 -38.47
N PRO A 315 11.22 9.96 -31.28
CA PRO A 315 10.51 9.64 -32.52
C PRO A 315 11.12 8.42 -33.21
N LEU A 316 10.62 7.24 -32.95
CA LEU A 316 11.17 6.09 -33.61
C LEU A 316 10.57 6.05 -34.98
N ALA A 317 11.37 5.66 -35.98
CA ALA A 317 10.94 5.51 -37.38
C ALA A 317 10.09 4.25 -37.48
N PRO A 318 9.23 4.12 -38.53
CA PRO A 318 8.48 2.88 -38.75
C PRO A 318 9.38 1.63 -38.75
N GLY A 319 8.99 0.60 -38.05
CA GLY A 319 9.82 -0.58 -38.02
C GLY A 319 10.96 -0.56 -37.03
N GLU A 320 11.26 0.58 -36.42
CA GLU A 320 12.30 0.63 -35.43
C GLU A 320 11.69 0.35 -34.07
N PHE A 321 12.50 -0.07 -33.11
CA PHE A 321 12.00 -0.36 -31.79
C PHE A 321 13.05 -0.19 -30.70
N ASP A 322 12.65 0.08 -29.47
CA ASP A 322 13.64 0.14 -28.37
C ASP A 322 14.02 -1.28 -27.93
N PRO A 323 15.26 -1.70 -28.19
CA PRO A 323 15.68 -3.06 -27.85
C PRO A 323 15.88 -3.26 -26.34
N ASN A 324 15.88 -2.17 -25.57
CA ASN A 324 15.95 -2.24 -24.07
C ASN A 324 14.57 -2.50 -23.50
N ILE A 325 13.52 -2.19 -24.27
CA ILE A 325 12.12 -2.48 -23.86
C ILE A 325 11.63 -3.76 -24.52
N ASP A 326 11.66 -3.78 -25.85
CA ASP A 326 11.11 -4.88 -26.68
C ASP A 326 12.26 -5.87 -26.89
N VAL A 327 12.59 -6.65 -25.87
CA VAL A 327 13.96 -7.21 -25.75
C VAL A 327 14.11 -8.32 -26.78
N TYR A 328 13.02 -8.80 -27.40
CA TYR A 328 13.07 -10.05 -28.22
C TYR A 328 13.03 -9.72 -29.71
N GLY A 329 13.05 -8.46 -30.04
CA GLY A 329 12.92 -8.08 -31.41
C GLY A 329 14.14 -8.21 -32.28
N ILE A 330 13.91 -8.72 -33.49
CA ILE A 330 14.98 -8.85 -34.46
C ILE A 330 14.57 -8.23 -35.78
N LYS A 331 15.36 -7.30 -36.27
CA LYS A 331 15.09 -6.67 -37.53
C LYS A 331 15.30 -7.65 -38.67
N CYS A 332 14.54 -7.50 -39.73
CA CYS A 332 14.65 -8.33 -40.91
C CYS A 332 15.88 -7.92 -41.71
N HIS A 333 16.44 -8.80 -42.53
CA HIS A 333 17.59 -8.36 -43.30
C HIS A 333 17.21 -7.46 -44.47
N GLU A 334 18.21 -6.80 -45.02
CA GLU A 334 18.03 -5.85 -46.10
C GLU A 334 17.35 -6.37 -47.39
N ASN A 335 17.34 -7.67 -47.63
CA ASN A 335 16.71 -8.29 -48.77
C ASN A 335 15.37 -8.93 -48.49
N SER A 336 14.74 -8.61 -47.38
CA SER A 336 13.45 -9.19 -47.14
C SER A 336 12.44 -8.70 -48.19
N PRO A 337 11.51 -9.56 -48.58
CA PRO A 337 10.52 -9.15 -49.55
C PRO A 337 9.68 -8.00 -48.97
N ARG A 338 9.31 -8.05 -47.69
CA ARG A 338 8.61 -6.95 -47.08
C ARG A 338 9.33 -6.59 -45.80
N LYS A 339 9.25 -5.33 -45.39
CA LYS A 339 9.91 -4.94 -44.17
C LYS A 339 9.14 -5.53 -43.05
N GLU A 340 9.80 -6.34 -42.23
CA GLU A 340 9.17 -6.96 -41.08
C GLU A 340 10.10 -6.90 -39.89
N VAL A 341 9.56 -7.17 -38.72
CA VAL A 341 10.32 -7.26 -37.46
C VAL A 341 9.77 -8.50 -36.78
N TYR A 342 10.64 -9.36 -36.26
CA TYR A 342 10.24 -10.63 -35.63
C TYR A 342 10.39 -10.51 -34.12
N PHE A 343 9.48 -11.14 -33.39
CA PHE A 343 9.58 -11.23 -31.93
C PHE A 343 9.50 -12.71 -31.57
N MET A 344 10.58 -13.26 -30.98
CA MET A 344 10.70 -14.72 -30.84
C MET A 344 11.32 -15.04 -29.49
N ALA A 345 10.66 -15.91 -28.74
CA ALA A 345 11.23 -16.35 -27.44
C ALA A 345 10.52 -17.63 -27.05
N ILE A 346 10.99 -18.22 -25.95
CA ILE A 346 10.41 -19.50 -25.48
C ILE A 346 9.25 -19.19 -24.54
N ILE A 347 8.14 -19.91 -24.66
CA ILE A 347 7.05 -19.85 -23.66
C ILE A 347 6.68 -21.24 -23.19
N PHD A 348 5.99 -21.29 -22.02
CA PHD A 348 5.20 -22.45 -21.60
C PHD A 348 6.13 -23.62 -21.23
O PHD A 348 6.06 -24.71 -21.83
CB PHD A 348 4.17 -22.85 -22.67
CG PHD A 348 3.15 -23.82 -22.15
OD1 PHD A 348 2.34 -24.33 -23.07
OD2 PHD A 348 3.10 -24.10 -20.98
P PHD A 348 2.54 -24.50 -24.77
OP1 PHD A 348 4.09 -24.95 -25.11
OP2 PHD A 348 2.17 -23.08 -25.42
OP3 PHD A 348 1.67 -25.66 -25.24
N ILE A 349 6.92 -23.35 -20.20
N ILE A 349 7.08 -23.38 -20.31
CA ILE A 349 8.12 -24.11 -19.89
CA ILE A 349 8.13 -24.37 -20.04
C ILE A 349 7.87 -25.17 -18.83
C ILE A 349 7.73 -25.38 -18.96
N LEU A 350 6.77 -25.04 -18.08
CA LEU A 350 6.61 -25.76 -16.77
C LEU A 350 5.83 -27.06 -16.94
N THR A 351 6.36 -28.01 -17.71
CA THR A 351 5.88 -29.41 -17.69
C THR A 351 7.09 -30.32 -17.36
N HIS A 352 6.97 -31.08 -16.29
CA HIS A 352 7.98 -32.01 -15.80
C HIS A 352 7.75 -33.38 -16.46
N TYR A 353 8.82 -34.06 -16.91
CA TYR A 353 8.72 -35.38 -17.58
C TYR A 353 7.94 -36.37 -16.70
N ASP A 354 8.34 -36.52 -15.43
CA ASP A 354 7.76 -37.53 -14.51
C ASP A 354 6.25 -37.27 -14.33
N ALA A 355 5.76 -36.08 -14.74
CA ALA A 355 4.38 -35.73 -15.16
C ALA A 355 3.36 -36.35 -14.21
N SER A 375 6.27 -43.76 -27.49
CA SER A 375 4.98 -43.06 -27.22
C SER A 375 5.26 -41.55 -27.09
N THR A 376 5.42 -41.04 -25.86
CA THR A 376 5.88 -39.65 -25.54
C THR A 376 7.41 -39.63 -25.57
N VAL A 377 8.03 -38.47 -25.85
CA VAL A 377 9.52 -38.32 -25.87
C VAL A 377 10.01 -37.97 -24.46
N ASN A 378 11.30 -38.04 -24.28
CA ASN A 378 11.91 -37.63 -23.05
C ASN A 378 12.46 -36.21 -23.28
N PRO A 379 12.92 -35.57 -22.21
CA PRO A 379 13.37 -34.19 -22.37
C PRO A 379 14.51 -34.02 -23.32
N GLU A 380 15.44 -34.95 -23.32
CA GLU A 380 16.55 -34.88 -24.26
C GLU A 380 16.05 -34.96 -25.70
N GLN A 381 15.16 -35.90 -25.96
CA GLN A 381 14.60 -36.05 -27.29
C GLN A 381 13.82 -34.81 -27.66
N TYR A 382 13.05 -34.30 -26.72
CA TYR A 382 12.23 -33.12 -26.98
C TYR A 382 13.07 -31.96 -27.38
N SER A 383 14.13 -31.73 -26.66
CA SER A 383 14.99 -30.60 -26.92
C SER A 383 15.66 -30.66 -28.26
N LYS A 384 16.09 -31.84 -28.67
CA LYS A 384 16.78 -31.96 -29.94
C LYS A 384 15.85 -31.72 -31.11
N ARG A 385 14.69 -32.33 -31.06
CA ARG A 385 13.68 -32.20 -32.11
C ARG A 385 13.36 -30.72 -32.27
N PHE A 386 13.05 -30.07 -31.16
CA PHE A 386 12.74 -28.62 -31.09
C PHE A 386 13.84 -27.77 -31.77
N LEU A 387 15.07 -27.86 -31.31
CA LEU A 387 16.22 -27.12 -31.92
C LEU A 387 16.39 -27.49 -33.39
N ASP A 388 16.30 -28.78 -33.76
CA ASP A 388 16.40 -29.19 -35.18
C ASP A 388 15.28 -28.49 -35.97
N PHE A 389 14.07 -28.44 -35.42
CA PHE A 389 12.89 -27.87 -36.11
C PHE A 389 13.11 -26.38 -36.39
N ILE A 390 13.36 -25.64 -35.33
CA ILE A 390 13.59 -24.18 -35.41
C ILE A 390 14.78 -23.88 -36.30
N GLY A 391 15.92 -24.55 -36.12
CA GLY A 391 17.07 -24.38 -37.02
C GLY A 391 16.70 -24.50 -38.49
N HIS A 392 15.71 -25.33 -38.83
CA HIS A 392 15.37 -25.53 -40.26
C HIS A 392 14.43 -24.44 -40.76
N ILE A 393 13.74 -23.67 -39.94
CA ILE A 393 12.81 -22.62 -40.50
C ILE A 393 13.41 -21.22 -40.36
N LEU A 394 14.30 -21.07 -39.39
CA LEU A 394 15.35 -20.02 -39.14
C LEU A 394 15.11 -19.17 -37.85
N LEU B 18 12.29 3.99 5.16
CA LEU B 18 11.26 3.63 6.12
C LEU B 18 11.04 2.13 6.20
N TYR B 19 11.27 1.57 7.36
CA TYR B 19 11.12 0.11 7.60
C TYR B 19 10.16 -0.20 8.75
N PHE B 20 9.67 0.85 9.42
CA PHE B 20 8.80 0.74 10.58
C PHE B 20 9.40 -0.07 11.71
N GLN B 21 10.73 -0.11 11.81
CA GLN B 21 11.34 -0.87 12.91
C GLN B 21 11.08 -0.17 14.24
N SER B 22 10.91 -1.01 15.26
CA SER B 22 10.74 -0.67 16.67
C SER B 22 11.15 -1.83 17.58
N MET B 23 11.50 -1.47 18.80
CA MET B 23 11.64 -2.45 19.90
C MET B 23 10.26 -2.91 20.40
N ASP B 24 9.21 -2.11 20.14
CA ASP B 24 7.83 -2.44 20.53
C ASP B 24 7.03 -2.85 19.27
N PRO B 25 6.71 -4.15 19.15
CA PRO B 25 5.99 -4.67 17.99
C PRO B 25 4.66 -3.97 17.69
N LEU B 26 3.97 -3.50 18.73
CA LEU B 26 2.67 -2.76 18.60
C LEU B 26 2.92 -1.40 17.97
N LEU B 27 4.07 -0.78 18.19
CA LEU B 27 4.35 0.47 17.43
C LEU B 27 4.74 0.19 15.97
N SER B 28 5.48 -0.89 15.66
CA SER B 28 5.73 -1.26 14.24
C SER B 28 4.39 -1.37 13.55
N VAL B 29 3.51 -2.17 14.14
CA VAL B 29 2.21 -2.52 13.54
C VAL B 29 1.42 -1.22 13.36
N LEU B 30 1.43 -0.29 14.33
CA LEU B 30 0.72 1.01 14.22
C LEU B 30 1.33 1.84 13.09
N MET B 31 2.64 1.91 12.98
CA MET B 31 3.26 2.67 11.92
C MET B 31 2.93 2.01 10.59
N TRP B 32 3.04 0.70 10.54
CA TRP B 32 2.70 -0.05 9.30
C TRP B 32 1.22 0.31 8.92
N GLY B 33 0.34 0.27 9.93
CA GLY B 33 -1.13 0.39 9.79
C GLY B 33 -1.52 1.75 9.32
N VAL B 34 -0.87 2.75 9.85
CA VAL B 34 -1.17 4.11 9.50
C VAL B 34 -0.68 4.38 8.11
N ASN B 35 0.44 3.77 7.77
CA ASN B 35 0.98 3.92 6.45
C ASN B 35 0.04 3.28 5.45
N HIS B 36 -0.40 2.07 5.74
CA HIS B 36 -1.37 1.36 4.93
C HIS B 36 -2.71 2.09 4.82
N SER B 37 -3.20 2.59 5.94
CA SER B 37 -4.48 3.27 6.00
C SER B 37 -4.48 4.45 5.11
N ILE B 38 -3.47 5.29 5.21
CA ILE B 38 -3.44 6.44 4.37
C ILE B 38 -3.25 6.14 2.87
N ASN B 39 -2.43 5.16 2.53
CA ASN B 39 -2.24 4.80 1.13
C ASN B 39 -3.54 4.25 0.53
N GLU B 40 -4.24 3.45 1.31
CA GLU B 40 -5.50 2.87 0.93
C GLU B 40 -6.51 3.97 0.65
N LEU B 41 -6.52 5.01 1.48
CA LEU B 41 -7.44 6.14 1.30
C LEU B 41 -7.17 6.94 0.04
N SER B 42 -5.92 6.97 -0.37
CA SER B 42 -5.54 7.61 -1.63
C SER B 42 -6.16 6.95 -2.89
N HIS B 43 -6.62 5.71 -2.78
CA HIS B 43 -7.31 4.97 -3.80
C HIS B 43 -8.84 4.99 -3.59
N VAL B 44 -9.31 5.89 -2.74
CA VAL B 44 -10.73 6.06 -2.48
C VAL B 44 -11.18 7.51 -2.66
N GLN B 45 -12.19 7.76 -3.51
CA GLN B 45 -12.78 9.12 -3.77
C GLN B 45 -13.14 9.84 -2.47
N ILE B 46 -13.03 11.15 -2.46
CA ILE B 46 -13.50 11.95 -1.34
C ILE B 46 -14.98 12.20 -1.66
N PRO B 47 -15.92 11.80 -0.77
CA PRO B 47 -17.36 11.96 -1.06
C PRO B 47 -17.72 13.44 -0.98
N VAL B 48 -18.74 13.82 -1.73
CA VAL B 48 -19.41 15.12 -1.56
C VAL B 48 -19.73 15.31 -0.06
N MET B 49 -20.23 14.26 0.63
CA MET B 49 -20.50 14.34 2.11
C MET B 49 -20.51 12.94 2.74
N LEU B 50 -20.29 12.86 4.05
CA LEU B 50 -20.42 11.59 4.81
C LEU B 50 -21.90 11.16 4.84
N MET B 51 -22.14 9.84 4.83
CA MET B 51 -23.48 9.20 4.97
C MET B 51 -23.52 8.30 6.20
N PRO B 52 -24.68 7.94 6.69
CA PRO B 52 -24.73 7.17 7.93
C PRO B 52 -23.89 5.89 8.02
N ASP B 53 -23.73 5.21 6.90
CA ASP B 53 -22.98 3.97 6.79
C ASP B 53 -21.52 4.17 7.13
N ASP B 54 -20.98 5.33 6.78
CA ASP B 54 -19.61 5.74 7.04
C ASP B 54 -19.27 5.73 8.54
N PHE B 55 -20.23 6.04 9.40
CA PHE B 55 -20.10 6.02 10.85
C PHE B 55 -20.13 4.64 11.46
N LYS B 56 -20.49 3.62 10.69
CA LYS B 56 -20.51 2.26 11.19
C LYS B 56 -19.46 1.35 10.50
N ALA B 57 -18.69 1.95 9.63
CA ALA B 57 -17.67 1.32 8.82
C ALA B 57 -16.32 1.03 9.46
N TYR B 58 -15.56 0.19 8.76
CA TYR B 58 -14.18 -0.21 9.09
C TYR B 58 -13.47 -1.02 7.99
N SER B 59 -12.15 -1.04 8.07
CA SER B 59 -11.27 -1.91 7.23
C SER B 59 -10.39 -2.76 8.15
N LYS B 60 -10.35 -4.05 7.88
CA LYS B 60 -9.53 -4.98 8.65
C LYS B 60 -8.52 -5.55 7.67
N ILE B 61 -7.32 -5.81 8.16
CA ILE B 61 -6.21 -6.30 7.30
C ILE B 61 -5.46 -7.27 8.15
N LYS B 62 -5.35 -8.53 7.72
CA LYS B 62 -4.61 -9.54 8.50
C LYS B 62 -3.40 -9.98 7.66
N VAL B 63 -2.20 -9.93 8.23
CA VAL B 63 -0.98 -10.24 7.54
C VAL B 63 -0.24 -11.42 8.11
N ASP B 64 0.07 -12.40 7.28
CA ASP B 64 0.87 -13.52 7.71
C ASP B 64 2.00 -13.69 6.72
N ASN B 65 3.21 -13.50 7.17
CA ASN B 65 4.37 -13.61 6.32
C ASN B 65 5.15 -14.84 6.76
N HIS B 66 5.71 -15.57 5.80
CA HIS B 66 6.64 -16.70 6.04
C HIS B 66 8.00 -16.30 5.45
N LEU B 67 9.03 -16.15 6.28
CA LEU B 67 10.45 -15.99 5.84
C LEU B 67 10.61 -14.73 4.97
N PHE B 68 9.81 -13.75 5.26
CA PHE B 68 9.79 -12.48 4.52
C PHE B 68 9.67 -11.36 5.56
N ASN B 69 10.48 -10.31 5.37
CA ASN B 69 10.56 -9.07 6.19
C ASN B 69 10.62 -9.45 7.67
N LYS B 70 11.25 -10.58 7.95
CA LYS B 70 11.27 -11.15 9.27
C LYS B 70 12.05 -10.38 10.30
N GLU B 71 12.77 -9.39 9.85
CA GLU B 71 13.67 -8.66 10.77
C GLU B 71 13.05 -7.34 11.24
N ASN B 72 12.42 -6.60 10.34
CA ASN B 72 11.81 -5.27 10.54
C ASN B 72 10.51 -5.43 11.34
N MET B 73 9.73 -6.44 11.00
CA MET B 73 8.43 -6.62 11.54
C MET B 73 8.05 -7.97 11.97
N PRO B 74 7.00 -8.04 12.77
CA PRO B 74 6.41 -9.26 13.25
C PRO B 74 5.75 -9.94 12.05
N SER B 75 5.84 -11.24 12.06
CA SER B 75 5.29 -12.06 11.01
C SER B 75 3.81 -12.16 10.91
N HIS B 76 3.14 -12.22 12.05
CA HIS B 76 1.71 -12.31 12.07
C HIS B 76 1.08 -11.17 12.85
N PHE B 77 0.21 -10.44 12.17
CA PHE B 77 -0.47 -9.30 12.80
C PHE B 77 -1.75 -8.87 12.09
N LYS B 78 -2.54 -8.06 12.79
CA LYS B 78 -3.79 -7.49 12.29
C LYS B 78 -3.85 -6.01 12.62
N PHE B 79 -4.53 -5.29 11.75
CA PHE B 79 -4.74 -3.86 11.86
C PHE B 79 -6.17 -3.63 11.41
N LYS B 80 -6.94 -2.96 12.25
CA LYS B 80 -8.33 -2.56 11.96
C LYS B 80 -8.46 -1.05 12.13
N GLU B 81 -9.04 -0.37 11.16
CA GLU B 81 -9.29 1.06 11.26
C GLU B 81 -10.80 1.33 11.33
N TYR B 82 -11.22 2.02 12.36
CA TYR B 82 -12.65 2.39 12.57
C TYR B 82 -13.03 3.57 11.66
N CYS B 83 -14.19 3.50 11.00
CA CYS B 83 -14.75 4.58 10.15
C CYS B 83 -13.75 5.44 9.39
N PRO B 84 -12.98 4.85 8.49
CA PRO B 84 -11.85 5.55 7.91
C PRO B 84 -12.27 6.86 7.21
N MET B 85 -13.46 6.87 6.61
CA MET B 85 -13.93 8.04 5.83
C MET B 85 -14.21 9.22 6.81
N VAL B 86 -14.78 8.94 7.97
CA VAL B 86 -15.10 10.03 8.94
C VAL B 86 -13.81 10.63 9.46
N PHE B 87 -12.87 9.80 9.90
CA PHE B 87 -11.63 10.33 10.43
C PHE B 87 -10.85 11.05 9.38
N ARG B 88 -10.94 10.63 8.14
CA ARG B 88 -10.28 11.38 7.09
C ARG B 88 -10.92 12.77 6.96
N ASN B 89 -12.23 12.81 7.05
CA ASN B 89 -12.93 14.08 6.94
C ASN B 89 -12.57 15.00 8.10
N LEU B 90 -12.46 14.42 9.27
CA LEU B 90 -12.10 15.13 10.48
C LEU B 90 -10.73 15.74 10.34
N ARG B 91 -9.80 14.97 9.79
CA ARG B 91 -8.44 15.47 9.55
C ARG B 91 -8.48 16.70 8.64
N GLU B 92 -9.28 16.63 7.58
CA GLU B 92 -9.40 17.73 6.67
C GLU B 92 -10.02 18.96 7.34
N ARG B 93 -11.03 18.73 8.15
CA ARG B 93 -11.72 19.78 8.90
C ARG B 93 -10.81 20.46 9.90
N PHE B 94 -9.89 19.69 10.49
CA PHE B 94 -8.93 20.19 11.44
C PHE B 94 -7.66 20.75 10.79
N GLY B 95 -7.63 20.91 9.49
CA GLY B 95 -6.51 21.49 8.80
C GLY B 95 -5.31 20.60 8.59
N ILE B 96 -5.52 19.31 8.71
CA ILE B 96 -4.46 18.34 8.56
C ILE B 96 -4.39 17.54 7.24
N ASP B 97 -3.32 17.70 6.50
CA ASP B 97 -3.06 16.94 5.25
C ASP B 97 -2.73 15.48 5.56
N ASP B 98 -3.35 14.55 4.85
CA ASP B 98 -3.16 13.14 5.10
C ASP B 98 -1.72 12.63 4.94
N GLN B 99 -0.95 13.23 4.06
CA GLN B 99 0.45 12.82 3.85
C GLN B 99 1.36 13.33 4.98
N ASP B 100 1.13 14.57 5.45
CA ASP B 100 1.77 15.18 6.64
C ASP B 100 1.47 14.25 7.82
N PHE B 101 0.21 13.84 7.96
CA PHE B 101 -0.26 12.96 9.02
C PHE B 101 0.48 11.62 8.93
N GLN B 102 0.47 11.06 7.73
CA GLN B 102 1.13 9.84 7.44
C GLN B 102 2.59 9.99 7.81
N ASN B 103 3.25 11.04 7.37
CA ASN B 103 4.65 11.17 7.69
C ASN B 103 4.91 11.28 9.20
N SER B 104 4.08 12.03 9.90
CA SER B 104 4.25 12.27 11.31
C SER B 104 4.19 11.03 12.13
N LEU B 105 3.32 10.12 11.77
CA LEU B 105 3.21 8.93 12.54
C LEU B 105 4.06 7.78 12.02
N THR B 106 4.78 8.02 10.95
CA THR B 106 5.50 6.94 10.33
C THR B 106 7.00 7.08 9.99
N ARG B 107 7.48 8.30 9.82
CA ARG B 107 8.87 8.54 9.49
C ARG B 107 9.85 8.13 10.58
N SER B 108 9.42 8.16 11.83
CA SER B 108 10.18 7.75 12.99
C SER B 108 9.19 7.25 14.03
N ALA B 109 9.61 6.39 14.96
CA ALA B 109 8.64 5.77 15.88
C ALA B 109 8.11 6.83 16.83
N PRO B 110 6.83 6.69 17.26
CA PRO B 110 6.34 7.42 18.43
C PRO B 110 7.19 7.14 19.67
N LEU B 111 7.32 8.20 20.51
CA LEU B 111 8.09 8.23 21.76
C LEU B 111 7.11 8.14 22.92
N PRO B 112 7.36 7.23 23.89
CA PRO B 112 6.52 7.14 25.07
C PRO B 112 6.80 8.42 25.87
N ASN B 113 5.84 8.97 26.64
CA ASN B 113 6.01 10.30 27.31
C ASN B 113 7.17 10.40 28.36
N PHE B 123 0.75 7.67 27.70
CA PHE B 123 0.63 8.00 26.26
C PHE B 123 1.97 8.10 25.50
N HIS B 124 1.93 8.03 24.17
CA HIS B 124 3.02 8.36 23.22
C HIS B 124 2.68 9.61 22.39
N THR B 125 3.75 10.20 21.87
CA THR B 125 3.78 11.38 20.98
C THR B 125 4.32 10.95 19.63
N SER B 126 3.80 11.48 18.53
CA SER B 126 4.47 11.33 17.22
C SER B 126 5.90 11.84 17.40
N TYR B 127 6.82 11.48 16.50
CA TYR B 127 8.27 11.78 16.67
C TYR B 127 8.45 13.30 16.54
N ASP B 128 7.52 14.01 15.87
CA ASP B 128 7.63 15.46 15.57
C ASP B 128 6.76 16.28 16.55
N LYS B 129 6.15 15.61 17.51
CA LYS B 129 5.35 16.18 18.66
C LYS B 129 4.06 16.86 18.18
N ARG B 130 3.48 16.42 17.05
CA ARG B 130 2.23 17.03 16.52
C ARG B 130 1.01 16.32 17.07
N TYR B 131 1.14 15.06 17.42
CA TYR B 131 0.02 14.13 17.70
C TYR B 131 0.32 13.30 18.92
N ILE B 132 -0.77 13.00 19.61
CA ILE B 132 -0.82 12.12 20.80
C ILE B 132 -1.40 10.79 20.33
N ILE B 133 -0.81 9.71 20.85
CA ILE B 133 -1.28 8.32 20.59
C ILE B 133 -1.57 7.69 21.94
N LYS B 134 -2.81 7.26 22.13
CA LYS B 134 -3.25 6.71 23.41
C LYS B 134 -3.88 5.34 23.23
N THR B 135 -3.49 4.40 24.10
CA THR B 135 -4.16 3.09 24.27
C THR B 135 -5.47 3.26 25.04
N ILE B 136 -6.57 2.74 24.54
CA ILE B 136 -7.93 2.94 25.11
C ILE B 136 -8.60 1.58 25.18
N THR B 137 -9.75 1.49 25.80
CA THR B 137 -10.40 0.17 26.01
C THR B 137 -11.45 0.01 24.92
N SER B 138 -12.06 -1.16 24.84
CA SER B 138 -13.08 -1.44 23.80
C SER B 138 -14.31 -0.56 24.10
N GLU B 139 -14.58 -0.36 25.39
CA GLU B 139 -15.64 0.55 25.93
C GLU B 139 -15.41 1.98 25.44
N ASP B 140 -14.18 2.47 25.51
CA ASP B 140 -13.87 3.80 24.95
C ASP B 140 -14.24 3.77 23.47
N VAL B 141 -13.93 2.67 22.77
CA VAL B 141 -14.10 2.62 21.30
C VAL B 141 -15.61 2.72 21.04
N ALA B 142 -16.41 2.03 21.84
CA ALA B 142 -17.87 1.93 21.71
C ALA B 142 -18.48 3.33 21.98
N GLU B 143 -17.87 4.09 22.92
CA GLU B 143 -18.31 5.45 23.29
C GLU B 143 -17.95 6.38 22.13
N MET B 144 -16.76 6.24 21.54
CA MET B 144 -16.39 7.07 20.35
C MET B 144 -17.47 6.87 19.28
N HIS B 145 -17.87 5.61 19.03
CA HIS B 145 -18.92 5.32 18.05
C HIS B 145 -20.21 6.01 18.52
N ASN B 146 -20.53 5.97 19.82
CA ASN B 146 -21.83 6.40 20.41
C ASN B 146 -22.01 7.89 20.03
N ILE B 147 -20.94 8.66 20.01
CA ILE B 147 -20.98 10.14 19.92
C ILE B 147 -20.50 10.62 18.55
N LEU B 148 -20.03 9.74 17.67
CA LEU B 148 -19.21 10.17 16.52
C LEU B 148 -20.03 11.03 15.54
N LYS B 149 -21.29 10.69 15.29
CA LYS B 149 -22.13 11.49 14.40
C LYS B 149 -22.37 12.88 15.01
N LYS B 150 -22.76 12.93 16.27
CA LYS B 150 -22.95 14.26 16.92
C LYS B 150 -21.64 15.01 16.98
N TYR B 151 -20.53 14.34 17.24
CA TYR B 151 -19.24 15.05 17.31
C TYR B 151 -18.95 15.64 15.96
N HIS B 152 -19.08 14.83 14.92
CA HIS B 152 -18.78 15.27 13.56
C HIS B 152 -19.62 16.47 13.13
N GLN B 153 -20.90 16.39 13.38
CA GLN B 153 -21.80 17.49 13.06
C GLN B 153 -21.34 18.73 13.83
N TYR B 154 -20.95 18.57 15.08
CA TYR B 154 -20.51 19.72 15.88
C TYR B 154 -19.25 20.32 15.22
N ILE B 155 -18.26 19.49 14.85
CA ILE B 155 -17.06 20.01 14.13
C ILE B 155 -17.52 20.74 12.84
N VAL B 156 -18.49 20.22 12.10
CA VAL B 156 -18.98 20.90 10.86
C VAL B 156 -19.46 22.30 11.24
N GLU B 157 -20.38 22.34 12.20
CA GLU B 157 -21.08 23.58 12.67
C GLU B 157 -20.07 24.62 13.18
N CYS B 158 -19.03 24.21 13.94
CA CYS B 158 -18.12 25.23 14.55
C CYS B 158 -16.92 25.46 13.61
N HIS B 159 -17.00 24.98 12.36
CA HIS B 159 -15.95 25.12 11.33
C HIS B 159 -14.60 24.60 11.86
N GLY B 160 -14.61 23.58 12.70
CA GLY B 160 -13.34 23.04 13.25
C GLY B 160 -12.67 23.97 14.27
N ILE B 161 -13.30 25.09 14.71
CA ILE B 161 -12.78 25.98 15.79
C ILE B 161 -13.33 25.44 17.11
N THR B 162 -12.52 24.85 17.98
CA THR B 162 -13.01 24.26 19.24
C THR B 162 -11.84 23.80 20.09
N LEU B 163 -12.10 23.54 21.36
CA LEU B 163 -11.08 23.15 22.38
C LEU B 163 -11.38 21.70 22.72
N LEU B 164 -12.36 21.11 22.02
CA LEU B 164 -12.54 19.65 22.09
C LEU B 164 -11.25 18.98 21.58
N PRO B 165 -11.05 17.73 22.00
CA PRO B 165 -10.03 16.87 21.39
C PRO B 165 -10.38 16.73 19.91
N GLN B 166 -9.33 16.83 19.07
CA GLN B 166 -9.42 16.55 17.65
C GLN B 166 -9.04 15.07 17.51
N PHE B 167 -10.07 14.24 17.32
CA PHE B 167 -9.96 12.79 17.08
C PHE B 167 -9.66 12.51 15.60
N LEU B 168 -8.43 12.11 15.33
CA LEU B 168 -7.88 11.96 14.01
C LEU B 168 -7.72 10.58 13.42
N GLY B 169 -7.96 9.57 14.20
CA GLY B 169 -7.76 8.16 13.76
C GLY B 169 -7.97 7.24 14.95
N MET B 170 -8.51 6.07 14.71
CA MET B 170 -8.90 5.15 15.79
C MET B 170 -8.77 3.75 15.22
N TYR B 171 -7.98 2.91 15.89
CA TYR B 171 -7.45 1.64 15.34
C TYR B 171 -7.49 0.57 16.40
N ARG B 172 -7.51 -0.68 15.91
CA ARG B 172 -7.29 -1.89 16.73
C ARG B 172 -6.10 -2.63 16.13
N LEU B 173 -5.21 -3.13 16.98
CA LEU B 173 -3.93 -3.80 16.62
C LEU B 173 -3.90 -5.14 17.33
N ASN B 174 -3.48 -6.25 16.67
N ASN B 174 -3.37 -6.17 16.65
CA ASN B 174 -3.17 -7.56 17.29
CA ASN B 174 -3.16 -7.54 17.15
C ASN B 174 -1.80 -8.03 16.78
C ASN B 174 -1.73 -7.94 16.73
N VAL B 175 -0.84 -8.21 17.69
CA VAL B 175 0.47 -8.90 17.48
C VAL B 175 0.65 -9.89 18.63
N ASP B 176 1.23 -11.06 18.36
CA ASP B 176 1.88 -11.85 19.43
C ASP B 176 0.76 -12.18 20.44
N GLY B 177 -0.49 -12.33 19.98
CA GLY B 177 -1.65 -12.63 20.82
C GLY B 177 -2.03 -11.44 21.70
N VAL B 178 -1.54 -10.25 21.42
CA VAL B 178 -1.84 -9.04 22.25
C VAL B 178 -2.64 -8.05 21.41
N GLU B 179 -3.77 -7.61 21.97
CA GLU B 179 -4.81 -6.83 21.24
C GLU B 179 -4.97 -5.48 21.97
N ILE B 180 -4.68 -4.36 21.31
CA ILE B 180 -4.93 -3.02 21.91
C ILE B 180 -5.75 -2.21 20.92
N TYR B 181 -6.42 -1.18 21.45
CA TYR B 181 -7.18 -0.14 20.72
C TYR B 181 -6.42 1.15 20.90
N VAL B 182 -6.28 1.92 19.85
CA VAL B 182 -5.55 3.19 20.00
C VAL B 182 -6.28 4.32 19.32
N ILE B 183 -6.14 5.51 19.91
CA ILE B 183 -6.75 6.72 19.31
C ILE B 183 -5.62 7.71 19.17
N VAL B 184 -5.71 8.50 18.11
CA VAL B 184 -4.79 9.64 17.89
C VAL B 184 -5.54 10.98 18.02
N THR B 185 -4.90 11.92 18.73
CA THR B 185 -5.42 13.32 18.91
C THR B 185 -4.33 14.33 18.64
N ARG B 186 -4.73 15.57 18.44
CA ARG B 186 -3.74 16.63 18.27
C ARG B 186 -3.20 16.92 19.67
N ASN B 187 -1.91 17.20 19.71
CA ASN B 187 -1.20 17.68 20.91
C ASN B 187 -1.82 19.04 21.27
N VAL B 188 -2.15 19.18 22.55
CA VAL B 188 -2.55 20.50 23.14
C VAL B 188 -1.32 21.41 23.08
N PHE B 189 -0.13 20.85 23.31
CA PHE B 189 1.12 21.64 23.40
C PHE B 189 1.75 21.81 22.01
N SER B 190 2.69 22.77 21.97
CA SER B 190 3.53 23.20 20.85
C SER B 190 4.38 22.02 20.43
N HIS B 191 4.51 21.82 19.13
CA HIS B 191 5.43 20.84 18.50
C HIS B 191 6.91 21.24 18.76
N ARG B 192 7.21 22.44 19.29
CA ARG B 192 8.54 23.11 19.29
C ARG B 192 8.84 23.78 20.65
N LEU B 193 7.96 24.64 21.16
CA LEU B 193 8.20 25.39 22.42
C LEU B 193 7.98 24.44 23.60
N SER B 194 8.86 24.43 24.59
CA SER B 194 8.75 23.48 25.72
C SER B 194 7.80 24.06 26.77
N VAL B 195 7.21 23.17 27.53
CA VAL B 195 6.25 23.48 28.61
C VAL B 195 7.02 23.23 29.92
N TYR B 196 7.19 24.24 30.76
CA TYR B 196 7.89 24.07 32.07
C TYR B 196 6.86 23.61 33.12
N ARG B 197 5.56 23.69 32.82
CA ARG B 197 4.53 23.43 33.84
C ARG B 197 3.24 22.97 33.20
N LYS B 198 2.63 21.96 33.80
CA LYS B 198 1.43 21.37 33.20
C LYS B 198 0.37 21.00 34.24
N TYR B 199 -0.88 21.34 33.95
CA TYR B 199 -1.97 21.06 34.85
C TYR B 199 -3.18 20.38 34.24
N ASP B 200 -3.80 19.52 35.00
CA ASP B 200 -5.01 18.88 34.62
C ASP B 200 -6.03 19.46 35.60
N LEU B 201 -6.98 20.25 35.10
CA LEU B 201 -7.99 20.92 35.94
C LEU B 201 -9.41 20.48 35.64
N LYS B 202 -10.21 20.24 36.66
CA LYS B 202 -11.61 19.75 36.50
C LYS B 202 -12.68 20.65 37.15
N GLY B 203 -12.29 21.54 38.07
CA GLY B 203 -13.09 22.25 39.09
C GLY B 203 -13.70 21.34 40.14
N SER B 204 -13.07 20.20 40.51
CA SER B 204 -13.64 19.21 41.45
C SER B 204 -13.95 19.97 42.74
N THR B 205 -15.09 19.73 43.39
CA THR B 205 -15.33 20.28 44.74
C THR B 205 -14.39 19.48 45.65
N VAL B 206 -14.42 18.15 45.57
CA VAL B 206 -13.39 17.31 46.26
C VAL B 206 -12.01 17.78 45.76
N ALA B 207 -11.02 17.74 46.66
CA ALA B 207 -9.63 18.17 46.38
C ALA B 207 -8.98 17.14 45.47
N ARG B 208 -8.09 17.64 44.60
CA ARG B 208 -7.34 16.92 43.57
C ARG B 208 -5.90 17.44 43.60
N GLU B 209 -4.97 16.65 44.06
CA GLU B 209 -3.54 17.07 44.20
C GLU B 209 -2.71 16.06 43.41
N ALA B 210 -1.58 16.44 42.81
CA ALA B 210 -0.63 15.44 42.26
C ALA B 210 -0.05 14.61 43.41
N SER B 211 0.31 13.36 43.13
CA SER B 211 1.03 12.45 44.07
C SER B 211 2.48 12.90 44.22
N ASP B 212 3.12 12.40 45.27
CA ASP B 212 4.58 12.54 45.49
C ASP B 212 5.32 11.84 44.35
N LYS B 213 4.80 10.70 43.87
CA LYS B 213 5.33 9.92 42.71
C LYS B 213 5.21 10.79 41.45
N GLU B 214 4.03 11.36 41.19
CA GLU B 214 3.87 12.26 40.03
C GLU B 214 4.81 13.46 40.21
N LYS B 215 4.86 14.02 41.43
CA LYS B 215 5.57 15.29 41.73
C LYS B 215 7.08 15.05 41.65
N ALA B 216 7.48 13.77 41.67
CA ALA B 216 8.89 13.35 41.57
C ALA B 216 9.34 13.43 40.11
N LYS B 217 8.46 13.75 39.16
CA LYS B 217 8.87 13.81 37.76
C LYS B 217 9.49 15.19 37.46
N GLU B 218 10.05 15.32 36.26
CA GLU B 218 10.72 16.54 35.76
C GLU B 218 9.57 17.49 35.40
N LEU B 219 8.66 17.00 34.59
CA LEU B 219 7.42 17.74 34.27
C LEU B 219 6.23 17.01 34.86
N PRO B 220 5.87 17.10 36.15
CA PRO B 220 4.62 16.47 36.60
C PRO B 220 3.29 17.01 36.02
N THR B 221 2.28 16.16 36.00
CA THR B 221 0.87 16.52 35.70
C THR B 221 0.20 16.95 37.01
N LEU B 222 0.24 18.25 37.29
CA LEU B 222 -0.35 18.83 38.51
C LEU B 222 -1.88 18.96 38.33
N LYS B 223 -2.57 19.24 39.41
CA LYS B 223 -4.04 19.30 39.45
C LYS B 223 -4.57 20.55 40.14
N ASP B 224 -5.89 20.59 40.36
CA ASP B 224 -6.63 21.80 40.79
C ASP B 224 -5.92 22.42 42.00
N ASN B 225 -5.79 21.65 43.09
CA ASN B 225 -5.24 22.17 44.39
C ASN B 225 -3.79 22.66 44.23
N ASP B 226 -3.01 22.02 43.35
CA ASP B 226 -1.62 22.43 43.00
C ASP B 226 -1.66 23.84 42.42
N PHE B 227 -2.59 24.11 41.53
CA PHE B 227 -2.73 25.39 40.79
C PHE B 227 -2.99 26.51 41.83
N ILE B 228 -3.92 26.23 42.76
CA ILE B 228 -4.38 27.14 43.81
C ILE B 228 -3.21 27.35 44.79
N ASN B 229 -2.64 26.26 45.33
CA ASN B 229 -1.53 26.34 46.33
C ASN B 229 -0.31 27.01 45.73
N GLU B 230 -0.12 26.99 44.42
CA GLU B 230 1.05 27.65 43.79
C GLU B 230 0.71 29.10 43.47
N GLY B 231 -0.56 29.45 43.51
CA GLY B 231 -0.98 30.76 43.13
C GLY B 231 -0.65 31.01 41.67
N GLN B 232 -0.86 30.00 40.84
CA GLN B 232 -0.59 30.11 39.41
C GLN B 232 -1.47 31.13 38.72
N LYS B 233 -0.89 31.97 37.92
CA LYS B 233 -1.64 32.97 37.22
C LYS B 233 -1.49 32.88 35.73
N ILE B 234 -2.61 32.85 35.02
CA ILE B 234 -2.55 32.86 33.59
C ILE B 234 -3.01 34.23 33.16
N TYR B 235 -2.15 34.97 32.51
CA TYR B 235 -2.49 36.31 32.10
C TYR B 235 -2.73 36.47 30.62
N ILE B 236 -3.99 36.51 30.23
CA ILE B 236 -4.30 36.72 28.83
C ILE B 236 -5.08 38.01 28.66
N ASP B 237 -5.02 38.61 27.49
CA ASP B 237 -5.74 39.85 27.21
C ASP B 237 -7.27 39.67 27.16
N ASP B 238 -8.00 40.76 27.30
CA ASP B 238 -9.44 40.66 27.36
C ASP B 238 -10.04 40.03 26.13
N ASN B 239 -9.56 40.40 24.96
CA ASN B 239 -10.12 39.79 23.78
C ASN B 239 -9.88 38.30 23.75
N ASN B 240 -8.68 37.85 24.03
CA ASN B 240 -8.39 36.43 23.99
C ASN B 240 -9.19 35.67 24.99
N LYS B 241 -9.36 36.21 26.19
CA LYS B 241 -10.12 35.53 27.21
C LYS B 241 -11.58 35.35 26.83
N LYS B 242 -12.15 36.36 26.23
CA LYS B 242 -13.54 36.33 25.81
C LYS B 242 -13.71 35.20 24.79
N VAL B 243 -12.94 35.29 23.74
CA VAL B 243 -12.90 34.27 22.64
C VAL B 243 -12.77 32.89 23.26
N PHE B 244 -11.79 32.68 24.09
CA PHE B 244 -11.54 31.40 24.70
C PHE B 244 -12.66 30.90 25.54
N LEU B 245 -13.21 31.77 26.37
CA LEU B 245 -14.26 31.33 27.34
C LEU B 245 -15.60 31.11 26.61
N GLU B 246 -15.81 31.81 25.50
CA GLU B 246 -17.00 31.52 24.62
C GLU B 246 -16.85 30.15 23.96
N LYS B 247 -15.70 29.86 23.33
CA LYS B 247 -15.52 28.50 22.75
C LYS B 247 -15.75 27.47 23.85
N LEU B 248 -15.06 27.63 24.96
CA LEU B 248 -15.15 26.73 26.09
C LEU B 248 -16.57 26.45 26.53
N LYS B 249 -17.35 27.50 26.69
CA LYS B 249 -18.78 27.36 27.07
C LYS B 249 -19.53 26.46 26.03
N LYS B 250 -19.49 26.79 24.76
CA LYS B 250 -20.22 25.99 23.72
C LYS B 250 -19.73 24.53 23.75
N ASP B 251 -18.40 24.32 23.86
CA ASP B 251 -17.78 22.97 23.84
C ASP B 251 -18.38 22.14 24.97
N VAL B 252 -18.40 22.73 26.14
CA VAL B 252 -18.85 22.07 27.38
C VAL B 252 -20.38 21.91 27.42
N GLU B 253 -21.15 22.85 26.87
CA GLU B 253 -22.62 22.63 26.64
C GLU B 253 -22.84 21.41 25.71
N PHE B 254 -22.04 21.28 24.68
CA PHE B 254 -22.14 20.07 23.84
C PHE B 254 -21.87 18.86 24.75
N LEU B 255 -20.75 18.80 25.47
CA LEU B 255 -20.41 17.58 26.26
C LEU B 255 -21.56 17.25 27.20
N ALA B 256 -22.15 18.29 27.81
CA ALA B 256 -23.26 18.10 28.77
C ALA B 256 -24.46 17.50 28.02
N GLN B 257 -24.75 18.04 26.83
CA GLN B 257 -25.79 17.53 25.89
C GLN B 257 -25.57 16.04 25.66
N LEU B 258 -24.33 15.56 25.47
CA LEU B 258 -24.09 14.10 25.20
C LEU B 258 -24.07 13.29 26.50
N LYS B 259 -24.03 13.96 27.65
CA LYS B 259 -24.09 13.32 29.00
C LYS B 259 -22.69 12.79 29.31
N LEU B 260 -21.70 13.47 28.74
CA LEU B 260 -20.25 13.19 28.95
C LEU B 260 -19.77 14.08 30.11
N MET B 261 -18.74 13.64 30.82
CA MET B 261 -18.25 14.27 32.05
C MET B 261 -16.84 13.77 32.36
N ASP B 262 -16.26 14.25 33.47
CA ASP B 262 -14.97 13.80 34.07
C ASP B 262 -13.84 14.28 33.16
N TYR B 263 -14.09 15.24 32.29
CA TYR B 263 -13.08 15.79 31.41
C TYR B 263 -12.28 16.87 32.10
N SER B 264 -11.14 17.23 31.54
CA SER B 264 -10.30 18.23 32.12
C SER B 264 -9.82 19.24 31.16
N LEU B 265 -9.39 20.37 31.68
CA LEU B 265 -8.75 21.34 30.86
C LEU B 265 -7.25 21.08 31.08
N LEU B 266 -6.50 20.87 30.01
CA LEU B 266 -5.08 20.62 30.14
C LEU B 266 -4.43 21.92 29.83
N VAL B 267 -3.57 22.36 30.73
CA VAL B 267 -2.88 23.63 30.59
C VAL B 267 -1.36 23.46 30.62
N GLY B 268 -0.68 23.91 29.60
CA GLY B 268 0.78 23.92 29.53
C GLY B 268 1.31 25.34 29.49
N ILE B 269 2.38 25.61 30.22
CA ILE B 269 2.97 26.97 30.28
C ILE B 269 4.40 26.95 29.75
N HIS B 270 4.62 27.69 28.66
CA HIS B 270 5.96 27.90 28.06
C HIS B 270 6.54 29.15 28.69
N ASP B 271 7.78 29.07 29.19
CA ASP B 271 8.46 30.20 29.85
C ASP B 271 9.43 30.81 28.83
N VAL B 272 9.08 31.95 28.23
CA VAL B 272 9.87 32.60 27.14
C VAL B 272 11.19 33.12 27.71
N GLU B 273 11.24 33.50 29.00
CA GLU B 273 12.50 33.98 29.63
C GLU B 273 13.56 32.86 29.60
N ARG B 274 13.30 31.64 30.07
CA ARG B 274 14.20 30.50 29.78
C ARG B 274 14.26 30.23 28.24
N ALA B 275 15.31 30.78 27.61
CA ALA B 275 15.52 31.06 26.16
C ALA B 275 16.53 32.22 26.02
N ALA B 317 12.17 32.53 16.62
CA ALA B 317 12.47 33.65 17.53
C ALA B 317 11.68 33.51 18.84
N PRO B 318 12.15 34.05 19.99
CA PRO B 318 11.85 33.49 21.31
C PRO B 318 10.37 33.22 21.69
N GLY B 319 9.52 34.24 21.57
CA GLY B 319 8.11 34.13 22.00
C GLY B 319 7.24 33.38 21.01
N GLU B 320 7.73 33.16 19.79
CA GLU B 320 6.85 32.95 18.60
C GLU B 320 6.39 31.48 18.46
N PHE B 321 5.25 31.31 17.79
CA PHE B 321 4.70 30.02 17.36
C PHE B 321 3.72 30.28 16.19
N ASP B 322 3.58 29.29 15.30
CA ASP B 322 2.64 29.26 14.16
C ASP B 322 1.25 28.89 14.69
N PRO B 323 0.22 29.78 14.69
CA PRO B 323 -1.07 29.41 15.25
C PRO B 323 -1.84 28.41 14.37
N ASN B 324 -1.30 28.03 13.19
CA ASN B 324 -1.86 26.94 12.34
C ASN B 324 -1.38 25.55 12.73
N ILE B 325 -0.23 25.47 13.39
CA ILE B 325 0.33 24.20 13.90
C ILE B 325 -0.02 24.04 15.38
N ASP B 326 0.35 25.02 16.20
CA ASP B 326 0.12 25.02 17.66
C ASP B 326 -1.17 25.80 17.87
N VAL B 327 -2.28 25.16 17.57
CA VAL B 327 -3.54 25.93 17.37
C VAL B 327 -4.12 26.37 18.74
N TYR B 328 -3.56 25.87 19.84
CA TYR B 328 -4.10 26.05 21.20
C TYR B 328 -3.27 27.11 21.95
N GLY B 329 -2.29 27.67 21.26
CA GLY B 329 -1.36 28.62 21.82
C GLY B 329 -2.04 29.96 22.02
N ILE B 330 -1.77 30.61 23.14
CA ILE B 330 -2.24 32.01 23.37
C ILE B 330 -1.15 32.80 24.03
N LYS B 331 -0.80 33.93 23.46
CA LYS B 331 0.22 34.83 24.01
C LYS B 331 -0.31 35.43 25.33
N CYS B 332 0.59 35.63 26.28
CA CYS B 332 0.25 36.22 27.57
C CYS B 332 -0.02 37.71 27.36
N HIS B 333 -0.68 38.32 28.36
CA HIS B 333 -0.94 39.78 28.45
C HIS B 333 0.41 40.48 28.33
N GLU B 334 0.53 41.55 27.53
CA GLU B 334 1.77 42.34 27.37
C GLU B 334 2.29 42.77 28.75
N ASN B 335 1.39 43.05 29.68
CA ASN B 335 1.75 43.58 31.04
C ASN B 335 1.97 42.39 31.97
N SER B 336 2.00 41.15 31.46
CA SER B 336 2.35 40.00 32.34
C SER B 336 3.64 40.33 33.11
N PRO B 337 3.77 39.92 34.38
CA PRO B 337 5.04 40.06 35.11
C PRO B 337 6.15 39.13 34.56
N ARG B 338 5.75 38.03 33.90
CA ARG B 338 6.52 36.86 33.41
C ARG B 338 6.12 36.68 31.94
N LYS B 339 7.05 36.64 31.01
CA LYS B 339 6.77 36.44 29.57
C LYS B 339 6.43 34.96 29.31
N GLU B 340 5.17 34.66 29.05
CA GLU B 340 4.73 33.29 28.83
C GLU B 340 3.80 33.09 27.61
N VAL B 341 3.64 31.82 27.25
CA VAL B 341 2.66 31.30 26.25
C VAL B 341 1.94 30.14 26.92
N TYR B 342 0.63 30.12 26.80
CA TYR B 342 -0.22 29.11 27.35
C TYR B 342 -0.80 28.21 26.25
N PHE B 343 -0.97 26.93 26.54
CA PHE B 343 -1.54 25.92 25.62
C PHE B 343 -2.67 25.27 26.41
N MET B 344 -3.91 25.56 26.06
CA MET B 344 -5.03 24.99 26.79
C MET B 344 -6.14 24.46 25.89
N ALA B 345 -6.65 23.31 26.26
CA ALA B 345 -7.76 22.64 25.62
C ALA B 345 -8.28 21.58 26.52
N ILE B 346 -9.43 21.06 26.15
CA ILE B 346 -10.11 19.99 26.84
C ILE B 346 -9.56 18.60 26.41
N ILE B 347 -9.36 17.69 27.36
CA ILE B 347 -8.96 16.30 27.09
C ILE B 347 -9.88 15.40 27.91
N PHD B 348 -9.97 14.15 27.45
CA PHD B 348 -10.41 13.01 28.24
C PHD B 348 -11.92 13.17 28.46
O PHD B 348 -12.40 13.21 29.61
CB PHD B 348 -9.50 12.88 29.47
CG PHD B 348 -9.83 11.69 30.31
OD1 PHD B 348 -9.22 11.70 31.50
OD2 PHD B 348 -10.49 10.77 29.94
P PHD B 348 -9.23 12.76 32.90
OP1 PHD B 348 -7.69 12.94 32.83
OP2 PHD B 348 -10.09 14.17 32.68
OP3 PHD B 348 -9.86 11.99 34.15
N ILE B 349 -12.63 13.21 27.32
CA ILE B 349 -14.07 13.50 27.29
C ILE B 349 -14.94 12.25 27.30
N LEU B 350 -14.40 11.06 27.08
CA LEU B 350 -15.26 9.89 26.81
C LEU B 350 -15.67 9.14 28.08
N THR B 351 -16.43 9.76 28.96
CA THR B 351 -17.03 9.06 30.12
C THR B 351 -18.48 9.49 30.18
N HIS B 352 -19.40 8.56 30.03
CA HIS B 352 -20.83 8.82 29.96
C HIS B 352 -21.48 8.61 31.31
N TYR B 353 -22.52 9.39 31.58
CA TYR B 353 -23.24 9.35 32.85
C TYR B 353 -23.86 7.99 33.16
N ASP B 354 -24.30 7.27 32.14
CA ASP B 354 -24.89 5.94 32.27
C ASP B 354 -23.94 4.98 32.92
N ALA B 355 -22.67 5.06 32.55
CA ALA B 355 -21.59 4.24 33.11
C ALA B 355 -21.42 4.51 34.59
N LYS B 356 -21.57 5.77 34.96
CA LYS B 356 -21.49 6.17 36.34
C LYS B 356 -22.63 5.57 37.17
N VAL B 377 -23.22 13.64 41.32
CA VAL B 377 -22.97 14.88 40.51
C VAL B 377 -23.22 14.53 39.02
N ASN B 378 -23.94 15.38 38.30
CA ASN B 378 -24.49 15.03 36.96
C ASN B 378 -23.77 15.86 35.89
N PRO B 379 -23.97 15.58 34.58
CA PRO B 379 -23.29 16.29 33.51
C PRO B 379 -23.54 17.79 33.38
N GLU B 380 -24.78 18.27 33.49
CA GLU B 380 -24.99 19.75 33.49
C GLU B 380 -24.19 20.31 34.69
N GLN B 381 -24.26 19.67 35.87
CA GLN B 381 -23.61 20.16 37.11
C GLN B 381 -22.11 20.17 36.88
N TYR B 382 -21.58 19.08 36.34
CA TYR B 382 -20.14 18.95 36.10
C TYR B 382 -19.69 20.12 35.23
N SER B 383 -20.46 20.41 34.20
CA SER B 383 -20.08 21.36 33.14
C SER B 383 -20.12 22.79 33.70
N LYS B 384 -21.06 23.02 34.61
CA LYS B 384 -21.31 24.32 35.28
C LYS B 384 -20.10 24.53 36.18
N ARG B 385 -19.82 23.52 36.99
CA ARG B 385 -18.74 23.59 37.99
C ARG B 385 -17.43 23.78 37.25
N PHE B 386 -17.21 23.02 36.17
CA PHE B 386 -15.98 23.10 35.40
C PHE B 386 -15.76 24.48 34.83
N LEU B 387 -16.78 24.98 34.18
CA LEU B 387 -16.77 26.30 33.53
C LEU B 387 -16.59 27.44 34.56
N ASP B 388 -17.20 27.35 35.75
CA ASP B 388 -17.01 28.39 36.80
C ASP B 388 -15.53 28.36 37.24
N PHE B 389 -14.96 27.19 37.49
CA PHE B 389 -13.53 27.17 37.94
C PHE B 389 -12.61 27.79 36.88
N ILE B 390 -12.78 27.45 35.61
CA ILE B 390 -11.93 28.01 34.55
C ILE B 390 -12.03 29.53 34.50
N GLY B 391 -13.27 30.04 34.50
CA GLY B 391 -13.57 31.48 34.59
C GLY B 391 -12.79 32.10 35.75
N HIS B 392 -12.73 31.40 36.90
CA HIS B 392 -12.21 31.92 38.19
C HIS B 392 -10.69 32.14 38.06
N ILE B 393 -9.99 31.36 37.22
CA ILE B 393 -8.49 31.44 37.13
C ILE B 393 -8.07 32.29 35.92
N LEU B 394 -9.05 32.60 35.05
CA LEU B 394 -9.01 33.09 33.61
C LEU B 394 -8.58 32.04 32.56
C4 OYZ C . 2.20 -14.93 -24.69
C5 OYZ C . 2.23 -13.95 -25.67
C6 OYZ C . 3.29 -13.06 -25.75
C8 OYZ C . 4.19 -14.11 -23.89
C13 OYZ C . -1.19 -16.75 -27.44
C17 OYZ C . 0.06 -17.56 -23.36
C20 OYZ C . 2.59 -17.16 -20.26
C21 OYZ C . 2.59 -18.06 -19.20
C22 OYZ C . 2.36 -19.40 -19.32
C24 OYZ C . 1.73 -21.31 -17.96
C26 OYZ C . 2.91 -21.80 -15.91
C28 OYZ C . 3.48 -19.94 -17.30
C31 OYZ C . -0.62 -23.05 -19.72
C30 OYZ C . 0.09 -22.77 -18.41
O29 OYZ C . 0.73 -21.57 -18.86
C25 OYZ C . 1.92 -22.12 -16.85
C27 OYZ C . 3.68 -20.71 -16.18
C23 OYZ C . 2.48 -20.22 -18.19
C32 OYZ C . 2.06 -19.87 -20.60
C33 OYZ C . 2.07 -18.96 -21.68
C19 OYZ C . 2.32 -17.60 -21.56
C1 OYZ C . 2.25 -16.72 -22.63
C2 OYZ C . 1.16 -16.71 -23.56
N18 OYZ C . -0.77 -18.33 -23.10
N10 OYZ C . 3.18 -15.84 -22.79
C9 OYZ C . 3.21 -15.00 -23.77
N7 OYZ C . 4.27 -13.18 -24.85
C3 OYZ C . 1.17 -15.85 -24.61
N11 OYZ C . 0.19 -15.81 -25.51
C12 OYZ C . -0.59 -17.01 -26.05
C16 OYZ C . 0.11 -18.37 -26.17
O15 OYZ C . -0.83 -15.79 -28.11
O14 OYZ C . -1.98 -17.61 -27.82
P PO4 D . 0.54 -26.87 -20.41
O1 PO4 D . 0.78 -28.29 -20.93
O2 PO4 D . 0.20 -25.95 -21.59
O3 PO4 D . 1.83 -26.37 -19.72
O4 PO4 D . -0.61 -26.91 -19.38
C4 OYZ E . -2.17 14.93 26.27
C5 OYZ E . -1.19 15.87 26.26
C6 OYZ E . -1.22 16.86 25.31
C8 OYZ E . -3.11 15.98 24.43
C13 OYZ E . -0.34 14.06 30.56
C17 OYZ E . -3.25 11.92 27.98
C20 OYZ E . -5.55 11.57 24.73
C21 OYZ E . -6.60 10.64 24.63
C22 OYZ E . -7.35 10.22 25.71
C24 OYZ E . -8.79 8.39 26.44
C26 OYZ E . -10.65 7.63 25.07
C28 OYZ E . -9.18 9.42 24.39
C31 OYZ E . -7.68 7.70 29.76
C30 OYZ E . -8.70 7.53 28.61
O29 OYZ E . -8.07 8.33 27.56
C25 OYZ E . -9.90 7.55 26.25
C27 OYZ E . -10.28 8.56 24.15
C23 OYZ E . -8.41 9.32 25.53
C32 OYZ E . -7.06 10.79 26.97
C33 OYZ E . -6.02 11.72 27.07
C19 OYZ E . -5.26 12.13 25.99
C1 OYZ E . -4.21 13.07 26.14
C2 OYZ E . -3.19 12.99 27.12
N18 OYZ E . -3.42 11.01 28.64
N10 OYZ E . -4.14 14.06 25.28
C9 OYZ E . -3.16 14.97 25.32
N7 OYZ E . -2.16 16.90 24.42
C3 OYZ E . -2.22 13.94 27.22
N11 OYZ E . -1.27 13.95 28.18
C12 OYZ E . -1.49 13.53 29.63
C16 OYZ E . -2.81 13.84 30.35
O15 OYZ E . 0.45 14.90 30.12
O14 OYZ E . -0.31 13.56 31.68
P PO4 F . -11.67 8.52 32.28
O1 PO4 F . -11.59 8.58 30.77
O2 PO4 F . -10.27 8.20 32.82
O3 PO4 F . -12.66 7.42 32.71
O4 PO4 F . -12.17 9.91 32.84
#